data_1OE9
#
_entry.id   1OE9
#
_cell.length_a   53.933
_cell.length_b   98.247
_cell.length_c   111.378
_cell.angle_alpha   90.00
_cell.angle_beta   101.43
_cell.angle_gamma   90.00
#
_symmetry.space_group_name_H-M   'P 1 21 1'
#
loop_
_entity.id
_entity.type
_entity.pdbx_description
1 polymer 'MYOSIN VA'
2 polymer 'MYOSIN LIGHT CHAIN 1, SLOW-TWITCH MUSCLE A ISOFORM'
3 non-polymer 'SULFATE ION'
4 water water
#
loop_
_entity_poly.entity_id
_entity_poly.type
_entity_poly.pdbx_seq_one_letter_code
_entity_poly.pdbx_strand_id
1 'polypeptide(L)'
;MAASELYTKYARVWIPDPEEVWKSAELLKDYKPGDKVLQLRLEEGKDLEYCLDPKTKELPPLRNPDILVGENDLTALSYL
HEPAVLHNLKVRFIDSKLIYTYCGIVLVAINPYEQLPIYGEDIINAYSGQNMGDMDPHIFAVAEEAYKQMARDERNQSII
VSGESGAGKTVSAKYAMRYFATVSGSASEANVEEKVLASNPIMESIGNAKTTRNDNSSRFGKYIEIGFDKRYRIIGANMR
TYLLEKSRVVFQAEEERNYHIFYQLCASAALPEFKTLRLGNANYFHYTKQGGSPVIDGIDDAKEMVNTRQACTLLGISDS
YQMGIFRILAGILHLGNVEFASRDSDSCAIPPKHDPLTIFCDLMGVDYEEMAHWLCHRKLATATETYIKPISKLHAINAR
DALAKHIYANLFNWIVDHVNKALHSTVKQHSFIGVLDIYGFETFEINSFEQFCINYANEKLQQQFNMHVFKLEQEEYMKE
QIPWTLIDFYDNQPCINLIEAKMGVLDLLDEECKMPKGSDDTWAQKLYNTHLNKCALFEKPRLSNKAFIIKHFADKVEYQ
CEGFLEKNKDTVYEEQIKVLKSSKKFKLLPELFQDEEKAISPTSATPSGRVPLSRTPVKPAKARPGQTSKEHKKTVGHQF
RNSLHLLMETLNATTPHYVRCIKPNDFKFPFTFDEKRAVQQLRACGVLETIRISAAGFPSRWTYQEFFSRYRVLMKQKDV
LSDRKQTCKNVLEKLILDKDKYQFGKTKIFFRAGQVAYLEKIRADKLRAACIRIQKTIRGWLMRKKYMRMRRGDA
;
A
2 'polypeptide(L)'
;MIEFNKDQLEEFKEAFELFDRVGDGKILYSQCGDVMRALGQNPTNAEVLKVLGNPKSDELKSRRVDFETFLPMLQAVAKN
RGQGTYEDYLEGFRVFDKEGNGKVMGAELRHVLTTLGEKMTEEEVETVLAGHEDSNGCINYEAFLKHILSV
;
B
#
loop_
_chem_comp.id
_chem_comp.type
_chem_comp.name
_chem_comp.formula
SO4 non-polymer 'SULFATE ION' 'O4 S -2'
#
# COMPACT_ATOMS: atom_id res chain seq x y z
N GLU A 5 -7.19 -18.75 -25.66
CA GLU A 5 -5.83 -18.95 -25.09
C GLU A 5 -5.92 -19.07 -23.55
N LEU A 6 -5.69 -17.96 -22.83
CA LEU A 6 -5.95 -17.83 -21.40
C LEU A 6 -7.36 -17.31 -21.13
N TYR A 7 -7.89 -16.54 -22.08
CA TYR A 7 -9.25 -16.01 -21.98
C TYR A 7 -10.20 -17.01 -22.57
N THR A 8 -10.43 -18.08 -21.81
CA THR A 8 -11.24 -19.19 -22.27
C THR A 8 -12.50 -19.16 -21.47
N LYS A 9 -13.48 -19.98 -21.87
CA LYS A 9 -14.62 -20.22 -21.00
C LYS A 9 -14.05 -20.62 -19.64
N TYR A 10 -14.75 -20.25 -18.58
CA TYR A 10 -14.28 -20.50 -17.19
C TYR A 10 -13.31 -19.45 -16.62
N ALA A 11 -12.34 -19.01 -17.43
CA ALA A 11 -11.32 -18.04 -17.03
C ALA A 11 -11.94 -16.79 -16.43
N ARG A 12 -11.31 -16.21 -15.41
CA ARG A 12 -11.87 -15.06 -14.72
C ARG A 12 -11.00 -13.85 -14.93
N VAL A 13 -11.63 -12.68 -14.95
CA VAL A 13 -10.94 -11.43 -15.23
C VAL A 13 -11.37 -10.36 -14.25
N TRP A 14 -10.61 -9.31 -14.16
CA TRP A 14 -11.03 -8.13 -13.41
C TRP A 14 -11.39 -6.98 -14.37
N ILE A 15 -12.51 -6.30 -14.12
CA ILE A 15 -12.92 -5.17 -14.94
C ILE A 15 -13.17 -3.94 -14.08
N PRO A 16 -13.09 -2.73 -14.66
CA PRO A 16 -13.23 -1.51 -13.87
C PRO A 16 -14.61 -1.40 -13.22
N ASP A 17 -14.64 -0.84 -12.01
CA ASP A 17 -15.86 -0.66 -11.22
C ASP A 17 -15.71 0.65 -10.41
N PRO A 18 -16.64 1.60 -10.53
CA PRO A 18 -16.63 2.83 -9.73
C PRO A 18 -16.46 2.63 -8.21
N GLU A 19 -17.17 1.70 -7.60
CA GLU A 19 -17.17 1.57 -6.14
C GLU A 19 -15.97 0.76 -5.64
N GLU A 20 -15.78 -0.41 -6.22
CA GLU A 20 -14.79 -1.36 -5.73
C GLU A 20 -13.44 -1.30 -6.51
N VAL A 21 -13.34 -0.31 -7.40
CA VAL A 21 -12.27 -0.10 -8.39
C VAL A 21 -12.21 -1.18 -9.47
N TRP A 22 -12.31 -2.41 -9.03
CA TRP A 22 -12.27 -3.54 -9.88
C TRP A 22 -13.30 -4.53 -9.41
N LYS A 23 -13.82 -5.30 -10.34
CA LYS A 23 -14.84 -6.29 -10.06
C LYS A 23 -14.51 -7.54 -10.85
N SER A 24 -14.80 -8.70 -10.27
CA SER A 24 -14.56 -9.96 -10.94
C SER A 24 -15.64 -10.30 -11.95
N ALA A 25 -15.28 -11.16 -12.92
CA ALA A 25 -16.17 -11.58 -13.99
C ALA A 25 -15.61 -12.84 -14.62
N GLU A 26 -16.47 -13.78 -14.97
CA GLU A 26 -16.04 -15.04 -15.60
C GLU A 26 -16.37 -15.02 -17.08
N LEU A 27 -15.52 -15.64 -17.89
CA LEU A 27 -15.73 -15.65 -19.33
C LEU A 27 -16.86 -16.62 -19.64
N LEU A 28 -18.04 -16.02 -19.80
CA LEU A 28 -19.30 -16.65 -20.22
C LEU A 28 -19.24 -17.21 -21.62
N LYS A 29 -18.24 -16.80 -22.40
CA LYS A 29 -17.92 -17.42 -23.68
C LYS A 29 -16.43 -17.24 -23.98
N ASP A 30 -15.87 -18.19 -24.72
CA ASP A 30 -14.45 -18.21 -25.06
C ASP A 30 -14.06 -17.00 -25.94
N TYR A 31 -13.00 -16.30 -25.57
CA TYR A 31 -12.50 -15.20 -26.39
C TYR A 31 -11.74 -15.73 -27.60
N LYS A 32 -12.14 -15.24 -28.77
CA LYS A 32 -11.51 -15.60 -30.04
C LYS A 32 -10.86 -14.33 -30.57
N PRO A 33 -9.70 -14.45 -31.22
CA PRO A 33 -9.07 -13.25 -31.83
C PRO A 33 -10.02 -12.63 -32.83
N GLY A 34 -10.09 -11.30 -32.85
CA GLY A 34 -11.04 -10.59 -33.68
C GLY A 34 -12.30 -10.21 -32.92
N ASP A 35 -12.50 -10.77 -31.73
CA ASP A 35 -13.64 -10.39 -30.91
C ASP A 35 -13.41 -8.94 -30.45
N LYS A 36 -14.50 -8.16 -30.47
CA LYS A 36 -14.52 -6.77 -30.02
C LYS A 36 -15.09 -6.68 -28.60
N VAL A 37 -15.74 -7.74 -28.14
CA VAL A 37 -16.34 -7.81 -26.82
C VAL A 37 -16.03 -9.13 -26.12
N LEU A 38 -16.07 -9.10 -24.79
CA LEU A 38 -16.03 -10.32 -23.98
C LEU A 38 -17.43 -10.60 -23.47
N GLN A 39 -17.78 -11.86 -23.48
CA GLN A 39 -19.02 -12.34 -22.88
C GLN A 39 -18.71 -12.70 -21.42
N LEU A 40 -19.22 -11.88 -20.50
CA LEU A 40 -18.86 -11.96 -19.07
C LEU A 40 -20.07 -12.17 -18.17
N ARG A 41 -19.83 -12.85 -17.05
CA ARG A 41 -20.80 -12.99 -15.98
C ARG A 41 -20.24 -12.34 -14.70
N LEU A 42 -20.85 -11.23 -14.27
CA LEU A 42 -20.53 -10.63 -12.97
C LEU A 42 -20.92 -11.54 -11.81
N ASP A 47 -24.92 -11.59 -16.24
CA ASP A 47 -24.28 -11.55 -17.55
C ASP A 47 -24.06 -10.10 -18.04
N LEU A 48 -23.20 -9.93 -19.04
CA LEU A 48 -22.85 -8.60 -19.58
C LEU A 48 -21.81 -8.66 -20.72
N GLU A 49 -21.94 -7.77 -21.70
CA GLU A 49 -20.99 -7.71 -22.81
C GLU A 49 -20.02 -6.55 -22.59
N TYR A 50 -18.74 -6.90 -22.43
CA TYR A 50 -17.69 -5.98 -22.05
C TYR A 50 -16.94 -5.51 -23.29
N CYS A 51 -17.06 -4.22 -23.61
CA CYS A 51 -16.54 -3.69 -24.86
C CYS A 51 -15.08 -3.31 -24.69
N LEU A 52 -14.22 -3.90 -25.51
CA LEU A 52 -12.78 -3.72 -25.37
C LEU A 52 -12.30 -2.35 -25.88
N LYS A 57 -6.83 -3.03 -28.43
CA LYS A 57 -7.90 -3.98 -28.13
C LYS A 57 -7.60 -4.75 -26.84
N GLU A 58 -7.18 -3.99 -25.82
CA GLU A 58 -6.59 -4.50 -24.58
C GLU A 58 -7.55 -5.33 -23.74
N LEU A 59 -7.20 -6.59 -23.50
CA LEU A 59 -8.02 -7.45 -22.67
C LEU A 59 -7.85 -7.09 -21.20
N PRO A 60 -8.87 -7.32 -20.38
CA PRO A 60 -8.84 -6.95 -18.97
C PRO A 60 -7.89 -7.87 -18.17
N PRO A 61 -7.35 -7.43 -17.04
CA PRO A 61 -6.47 -8.28 -16.23
C PRO A 61 -7.08 -9.63 -15.88
N LEU A 62 -6.27 -10.69 -15.92
CA LEU A 62 -6.68 -12.02 -15.54
C LEU A 62 -6.64 -12.16 -14.03
N ARG A 63 -7.60 -12.92 -13.52
CA ARG A 63 -7.69 -13.20 -12.11
C ARG A 63 -6.87 -14.44 -11.80
N ASN A 64 -6.13 -14.36 -10.71
CA ASN A 64 -5.28 -15.45 -10.27
C ASN A 64 -6.09 -16.67 -9.83
N PRO A 65 -5.51 -17.86 -10.00
CA PRO A 65 -6.14 -19.09 -9.52
C PRO A 65 -6.21 -19.04 -8.00
N ASP A 66 -7.19 -19.72 -7.43
CA ASP A 66 -7.47 -19.70 -5.99
C ASP A 66 -6.32 -20.09 -5.10
N ILE A 67 -5.50 -21.05 -5.54
CA ILE A 67 -4.38 -21.50 -4.72
C ILE A 67 -3.33 -20.41 -4.44
N LEU A 68 -3.21 -19.42 -5.31
CA LEU A 68 -2.28 -18.33 -5.10
C LEU A 68 -2.87 -17.22 -4.25
N VAL A 69 -4.16 -17.28 -3.94
CA VAL A 69 -4.84 -16.14 -3.30
C VAL A 69 -4.77 -16.21 -1.77
N GLY A 70 -4.49 -15.06 -1.16
CA GLY A 70 -4.44 -14.93 0.26
C GLY A 70 -3.11 -15.38 0.83
N GLU A 71 -2.14 -15.60 -0.02
CA GLU A 71 -0.79 -15.96 0.42
C GLU A 71 -0.06 -14.81 1.14
N ASN A 72 0.99 -15.16 1.87
CA ASN A 72 1.65 -14.24 2.77
C ASN A 72 2.49 -13.19 2.05
N ASP A 73 2.80 -13.43 0.79
CA ASP A 73 3.68 -12.59 0.01
C ASP A 73 2.97 -12.38 -1.31
N LEU A 74 2.73 -11.11 -1.65
CA LEU A 74 2.05 -10.75 -2.88
C LEU A 74 2.77 -11.17 -4.13
N THR A 75 4.11 -11.21 -4.07
CA THR A 75 4.88 -11.59 -5.25
C THR A 75 4.74 -13.05 -5.65
N ALA A 76 4.02 -13.86 -4.88
CA ALA A 76 3.67 -15.23 -5.29
C ALA A 76 2.42 -15.32 -6.20
N LEU A 77 1.78 -14.19 -6.45
CA LEU A 77 0.68 -14.13 -7.41
C LEU A 77 1.27 -14.22 -8.81
N SER A 78 0.65 -15.05 -9.65
CA SER A 78 1.15 -15.25 -11.00
C SER A 78 0.80 -14.06 -11.90
N TYR A 79 -0.44 -13.60 -11.84
CA TYR A 79 -0.78 -12.37 -12.54
C TYR A 79 -0.61 -11.26 -11.52
N LEU A 80 0.48 -10.55 -11.64
CA LEU A 80 0.88 -9.63 -10.61
C LEU A 80 0.51 -8.25 -11.11
N HIS A 81 -0.66 -7.79 -10.73
CA HIS A 81 -1.14 -6.49 -11.19
C HIS A 81 -2.01 -5.86 -10.10
N GLU A 82 -2.45 -4.64 -10.33
CA GLU A 82 -3.15 -3.90 -9.31
C GLU A 82 -4.40 -4.61 -8.74
N PRO A 83 -5.34 -5.10 -9.54
CA PRO A 83 -6.50 -5.80 -8.95
C PRO A 83 -6.15 -7.03 -8.14
N ALA A 84 -5.11 -7.78 -8.52
CA ALA A 84 -4.68 -8.95 -7.75
C ALA A 84 -4.16 -8.49 -6.41
N VAL A 85 -3.37 -7.42 -6.39
CA VAL A 85 -2.84 -6.91 -5.12
C VAL A 85 -3.94 -6.39 -4.21
N LEU A 86 -4.81 -5.57 -4.77
CA LEU A 86 -5.98 -5.10 -4.05
C LEU A 86 -6.83 -6.24 -3.49
N HIS A 87 -7.12 -7.24 -4.33
CA HIS A 87 -7.98 -8.33 -3.91
C HIS A 87 -7.31 -9.19 -2.83
N ASN A 88 -6.04 -9.47 -3.00
CA ASN A 88 -5.30 -10.25 -2.04
C ASN A 88 -5.14 -9.62 -0.69
N LEU A 89 -4.81 -8.33 -0.67
CA LEU A 89 -4.74 -7.59 0.58
C LEU A 89 -6.12 -7.54 1.23
N LYS A 90 -7.13 -7.33 0.40
CA LYS A 90 -8.49 -7.24 0.91
C LYS A 90 -8.94 -8.49 1.63
N VAL A 91 -8.79 -9.62 0.99
CA VAL A 91 -9.28 -10.88 1.56
C VAL A 91 -8.49 -11.28 2.82
N ARG A 92 -7.17 -11.09 2.78
CA ARG A 92 -6.39 -11.28 4.00
C ARG A 92 -6.87 -10.40 5.15
N PHE A 93 -7.15 -9.14 4.85
CA PHE A 93 -7.47 -8.16 5.86
C PHE A 93 -8.86 -8.37 6.42
N ILE A 94 -9.82 -8.58 5.52
CA ILE A 94 -11.23 -8.71 5.90
C ILE A 94 -11.60 -10.12 6.33
N ASP A 95 -11.25 -11.12 5.54
CA ASP A 95 -11.65 -12.49 5.83
C ASP A 95 -10.80 -13.17 6.89
N SER A 96 -9.52 -12.79 7.00
CA SER A 96 -8.62 -13.43 7.97
C SER A 96 -8.10 -12.47 9.03
N LYS A 97 -8.48 -11.20 8.98
CA LYS A 97 -8.05 -10.20 9.93
C LYS A 97 -6.52 -10.15 10.07
N LEU A 98 -5.85 -10.29 8.93
CA LEU A 98 -4.42 -10.14 8.78
C LEU A 98 -4.09 -8.76 8.26
N ILE A 99 -3.39 -7.98 9.07
CA ILE A 99 -3.03 -6.62 8.70
C ILE A 99 -1.70 -6.54 8.04
N TYR A 100 -0.88 -7.60 8.18
CA TYR A 100 0.46 -7.63 7.67
C TYR A 100 0.51 -8.62 6.54
N THR A 101 1.15 -8.24 5.46
CA THR A 101 1.37 -9.07 4.30
C THR A 101 2.72 -8.66 3.73
N TYR A 102 3.50 -9.60 3.21
CA TYR A 102 4.74 -9.21 2.57
C TYR A 102 4.48 -8.84 1.13
N CYS A 103 5.34 -7.97 0.61
CA CYS A 103 5.43 -7.73 -0.79
C CYS A 103 6.92 -7.84 -1.12
N GLY A 104 7.39 -9.09 -1.26
CA GLY A 104 8.82 -9.39 -1.38
C GLY A 104 9.37 -9.02 -0.02
N ILE A 105 10.34 -8.09 0.00
CA ILE A 105 10.96 -7.68 1.27
C ILE A 105 10.12 -6.67 2.02
N VAL A 106 9.17 -6.04 1.35
CA VAL A 106 8.33 -5.02 1.94
C VAL A 106 7.25 -5.61 2.84
N LEU A 107 7.15 -5.12 4.05
CA LEU A 107 6.05 -5.44 4.91
C LEU A 107 4.94 -4.40 4.67
N VAL A 108 3.80 -4.83 4.17
CA VAL A 108 2.61 -3.94 4.03
C VAL A 108 1.77 -4.09 5.26
N ALA A 109 1.44 -2.97 5.92
CA ALA A 109 0.71 -2.95 7.16
C ALA A 109 -0.54 -2.10 6.99
N ILE A 110 -1.70 -2.73 7.09
CA ILE A 110 -3.00 -2.05 6.89
C ILE A 110 -3.59 -1.75 8.25
N ASN A 111 -3.83 -0.48 8.54
CA ASN A 111 -4.41 -0.07 9.80
C ASN A 111 -5.78 -0.73 10.04
N PRO A 112 -5.89 -1.55 11.10
CA PRO A 112 -7.15 -2.20 11.44
C PRO A 112 -8.09 -1.33 12.24
N TYR A 113 -7.62 -0.21 12.75
CA TYR A 113 -8.39 0.69 13.61
C TYR A 113 -9.04 -0.10 14.76
N GLU A 114 -8.25 -1.03 15.26
CA GLU A 114 -8.65 -1.92 16.33
C GLU A 114 -7.38 -2.39 17.03
N GLN A 115 -7.35 -2.35 18.36
CA GLN A 115 -6.21 -2.90 19.10
C GLN A 115 -6.27 -4.40 18.90
N LEU A 116 -5.20 -4.96 18.34
CA LEU A 116 -5.12 -6.40 18.15
C LEU A 116 -4.18 -7.05 19.18
N PRO A 117 -4.60 -8.17 19.75
CA PRO A 117 -3.76 -8.87 20.73
C PRO A 117 -2.71 -9.73 20.03
N ILE A 118 -1.90 -9.11 19.16
CA ILE A 118 -0.87 -9.81 18.39
C ILE A 118 0.55 -9.33 18.72
N TYR A 119 0.68 -8.52 19.78
CA TYR A 119 1.96 -7.88 20.13
C TYR A 119 2.52 -8.33 21.51
N GLY A 120 1.85 -9.29 22.14
CA GLY A 120 2.18 -9.72 23.49
C GLY A 120 3.48 -10.50 23.54
N GLU A 121 3.96 -10.67 24.78
CA GLU A 121 5.17 -11.41 25.09
C GLU A 121 5.23 -12.74 24.38
N ASP A 122 4.13 -13.48 24.43
CA ASP A 122 4.08 -14.82 23.81
C ASP A 122 4.40 -14.71 22.33
N ILE A 123 3.87 -13.68 21.67
CA ILE A 123 4.14 -13.56 20.23
C ILE A 123 5.56 -13.08 19.95
N ILE A 124 6.05 -12.14 20.74
CA ILE A 124 7.45 -11.73 20.59
C ILE A 124 8.33 -12.97 20.68
N ASN A 125 8.05 -13.85 21.64
CA ASN A 125 8.89 -15.04 21.83
C ASN A 125 8.85 -15.96 20.62
N ALA A 126 7.68 -16.11 20.00
CA ALA A 126 7.54 -16.99 18.84
C ALA A 126 8.25 -16.46 17.63
N TYR A 127 8.44 -15.15 17.52
CA TYR A 127 9.21 -14.60 16.39
C TYR A 127 10.71 -14.65 16.65
N SER A 128 11.12 -14.51 17.91
CA SER A 128 12.54 -14.49 18.28
C SER A 128 13.28 -15.76 17.83
N GLY A 129 14.42 -15.60 17.18
CA GLY A 129 15.15 -16.75 16.68
C GLY A 129 14.68 -17.43 15.40
N GLN A 130 13.54 -17.00 14.84
CA GLN A 130 13.06 -17.54 13.55
C GLN A 130 13.61 -16.81 12.32
N ASN A 131 13.52 -17.46 11.17
CA ASN A 131 13.92 -16.84 9.90
C ASN A 131 12.81 -15.95 9.32
N MET A 132 13.22 -15.02 8.45
CA MET A 132 12.29 -14.20 7.68
C MET A 132 11.68 -15.08 6.60
N GLY A 133 10.43 -15.49 6.80
CA GLY A 133 9.75 -16.33 5.83
C GLY A 133 9.02 -17.50 6.47
N ASP A 134 9.60 -18.04 7.55
CA ASP A 134 9.00 -19.18 8.27
C ASP A 134 7.83 -18.75 9.12
N MET A 135 7.79 -17.48 9.50
CA MET A 135 6.68 -16.95 10.28
C MET A 135 5.78 -16.10 9.39
N ASP A 136 4.53 -16.00 9.80
CA ASP A 136 3.56 -15.14 9.16
C ASP A 136 4.04 -13.68 9.25
N PRO A 137 3.79 -12.89 8.20
CA PRO A 137 4.18 -11.47 8.20
C PRO A 137 3.82 -10.77 9.48
N HIS A 138 4.76 -10.00 10.00
CA HIS A 138 4.51 -9.27 11.25
C HIS A 138 5.55 -8.21 11.37
N ILE A 139 5.24 -7.12 12.04
CA ILE A 139 6.27 -6.12 12.30
C ILE A 139 7.46 -6.76 13.07
N PHE A 140 7.16 -7.71 13.96
CA PHE A 140 8.22 -8.46 14.70
C PHE A 140 9.15 -9.16 13.78
N ALA A 141 8.68 -9.68 12.67
CA ALA A 141 9.56 -10.37 11.75
C ALA A 141 10.57 -9.41 11.21
N VAL A 142 10.12 -8.20 10.89
CA VAL A 142 11.05 -7.19 10.38
C VAL A 142 12.01 -6.78 11.49
N ALA A 143 11.49 -6.56 12.68
CA ALA A 143 12.33 -6.15 13.77
C ALA A 143 13.39 -7.26 14.07
N GLU A 144 12.99 -8.52 14.04
CA GLU A 144 13.94 -9.66 14.21
C GLU A 144 15.00 -9.68 13.14
N GLU A 145 14.60 -9.57 11.89
CA GLU A 145 15.58 -9.57 10.79
C GLU A 145 16.56 -8.43 10.94
N ALA A 146 16.08 -7.28 11.44
CA ALA A 146 16.98 -6.14 11.64
C ALA A 146 17.95 -6.45 12.81
N TYR A 147 17.42 -6.95 13.93
CA TYR A 147 18.24 -7.37 15.06
C TYR A 147 19.28 -8.40 14.60
N LYS A 148 18.82 -9.45 13.92
CA LYS A 148 19.67 -10.53 13.40
C LYS A 148 20.77 -10.04 12.47
N GLN A 149 20.41 -9.23 11.47
CA GLN A 149 21.42 -8.73 10.53
C GLN A 149 22.34 -7.73 11.19
N MET A 150 21.89 -7.11 12.26
CA MET A 150 22.73 -6.15 12.94
C MET A 150 23.98 -6.90 13.45
N ALA A 151 23.76 -7.90 14.30
CA ALA A 151 24.82 -8.79 14.83
C ALA A 151 25.57 -9.56 13.74
N ARG A 152 24.84 -10.18 12.82
CA ARG A 152 25.49 -11.01 11.81
C ARG A 152 26.38 -10.18 10.89
N ASP A 153 25.91 -9.03 10.42
CA ASP A 153 26.66 -8.25 9.46
C ASP A 153 27.57 -7.22 10.11
N GLU A 154 27.46 -7.08 11.43
CA GLU A 154 28.12 -5.99 12.13
C GLU A 154 27.92 -4.72 11.29
N ARG A 155 26.68 -4.26 11.31
CA ARG A 155 26.20 -3.24 10.38
C ARG A 155 24.93 -2.60 10.94
N ASN A 156 24.90 -1.27 10.96
CA ASN A 156 23.72 -0.55 11.42
C ASN A 156 22.53 -0.85 10.51
N GLN A 157 21.33 -0.85 11.09
CA GLN A 157 20.10 -1.10 10.34
C GLN A 157 19.12 0.09 10.37
N SER A 158 18.32 0.18 9.33
CA SER A 158 17.25 1.18 9.23
C SER A 158 15.93 0.48 8.95
N ILE A 159 14.91 0.77 9.73
CA ILE A 159 13.57 0.31 9.42
C ILE A 159 12.83 1.57 8.95
N ILE A 160 12.52 1.63 7.66
CA ILE A 160 11.92 2.80 7.03
C ILE A 160 10.41 2.58 6.99
N VAL A 161 9.70 3.31 7.84
CA VAL A 161 8.28 3.14 7.95
C VAL A 161 7.65 4.30 7.18
N SER A 162 7.15 3.98 6.01
CA SER A 162 6.59 4.99 5.16
C SER A 162 5.06 4.93 5.08
N GLY A 163 4.49 6.07 4.74
CA GLY A 163 3.06 6.18 4.58
C GLY A 163 2.59 7.48 5.16
N GLU A 164 1.31 7.75 5.04
CA GLU A 164 0.82 8.96 5.63
C GLU A 164 0.63 8.76 7.10
N SER A 165 0.67 9.87 7.81
CA SER A 165 0.48 9.87 9.25
C SER A 165 -0.92 9.30 9.56
N GLY A 166 -1.04 8.47 10.59
CA GLY A 166 -2.33 7.83 10.89
C GLY A 166 -2.64 6.50 10.18
N ALA A 167 -1.82 6.16 9.20
CA ALA A 167 -1.83 4.83 8.56
C ALA A 167 -1.27 3.73 9.49
N GLY A 168 -0.68 4.11 10.62
CA GLY A 168 -0.22 3.13 11.62
C GLY A 168 1.29 3.09 11.81
N LYS A 169 1.93 4.23 11.57
CA LYS A 169 3.38 4.31 11.63
C LYS A 169 3.88 4.33 13.06
N THR A 170 3.14 4.97 13.95
CA THR A 170 3.56 5.04 15.34
C THR A 170 3.42 3.70 16.08
N VAL A 171 2.39 2.90 15.75
CA VAL A 171 2.27 1.54 16.26
C VAL A 171 3.41 0.67 15.77
N SER A 172 3.74 0.79 14.49
CA SER A 172 4.82 -0.01 13.93
C SER A 172 6.14 0.31 14.64
N ALA A 173 6.37 1.61 14.90
CA ALA A 173 7.57 2.07 15.59
C ALA A 173 7.57 1.54 17.03
N LYS A 174 6.43 1.69 17.70
CA LYS A 174 6.24 1.24 19.08
C LYS A 174 6.61 -0.23 19.27
N TYR A 175 6.19 -1.09 18.34
CA TYR A 175 6.34 -2.54 18.49
C TYR A 175 7.63 -3.04 17.91
N ALA A 176 8.21 -2.33 16.94
CA ALA A 176 9.60 -2.62 16.59
C ALA A 176 10.48 -2.41 17.85
N MET A 177 10.28 -1.29 18.53
CA MET A 177 11.04 -0.94 19.71
C MET A 177 10.73 -1.90 20.89
N ARG A 178 9.45 -2.13 21.19
CA ARG A 178 9.07 -3.11 22.20
C ARG A 178 9.73 -4.44 21.96
N TYR A 179 9.83 -4.82 20.69
CA TYR A 179 10.46 -6.06 20.32
C TYR A 179 11.93 -6.05 20.65
N PHE A 180 12.64 -5.03 20.18
CA PHE A 180 14.09 -4.96 20.39
C PHE A 180 14.42 -4.98 21.86
N ALA A 181 13.59 -4.32 22.66
CA ALA A 181 13.78 -4.19 24.07
C ALA A 181 13.64 -5.57 24.72
N THR A 182 12.66 -6.34 24.28
CA THR A 182 12.37 -7.66 24.84
C THR A 182 13.48 -8.66 24.47
N VAL A 183 13.73 -8.84 23.19
CA VAL A 183 14.61 -9.89 22.75
C VAL A 183 16.07 -9.66 23.17
N SER A 184 16.42 -8.40 23.33
CA SER A 184 17.73 -7.99 23.77
C SER A 184 17.84 -8.13 25.29
N ASN A 191 14.28 2.20 29.91
CA ASN A 191 12.87 2.40 29.62
C ASN A 191 12.79 3.14 28.28
N VAL A 192 13.48 2.57 27.30
CA VAL A 192 13.76 3.29 26.07
C VAL A 192 12.46 3.52 25.30
N GLU A 193 11.68 2.46 25.14
CA GLU A 193 10.43 2.55 24.42
C GLU A 193 9.52 3.62 24.99
N GLU A 194 9.48 3.78 26.31
CA GLU A 194 8.53 4.71 26.96
C GLU A 194 8.97 6.19 26.97
N LYS A 195 10.27 6.45 26.98
CA LYS A 195 10.77 7.80 26.84
C LYS A 195 10.59 8.29 25.40
N VAL A 196 10.81 7.39 24.44
CA VAL A 196 10.66 7.71 23.03
C VAL A 196 9.22 8.05 22.77
N LEU A 197 8.32 7.20 23.24
CA LEU A 197 6.89 7.43 23.05
C LEU A 197 6.42 8.63 23.84
N ALA A 198 7.09 8.91 24.96
CA ALA A 198 6.72 10.07 25.74
C ALA A 198 7.06 11.36 24.96
N SER A 199 8.05 11.29 24.08
CA SER A 199 8.43 12.45 23.26
C SER A 199 7.48 12.73 22.08
N ASN A 200 6.62 11.77 21.74
CA ASN A 200 5.67 11.90 20.63
C ASN A 200 4.84 13.16 20.66
N PRO A 201 4.20 13.49 21.77
CA PRO A 201 3.42 14.71 21.85
C PRO A 201 4.31 15.97 21.61
N ILE A 202 5.58 15.89 21.98
CA ILE A 202 6.46 17.02 21.75
C ILE A 202 6.65 17.18 20.26
N MET A 203 7.07 16.10 19.63
CA MET A 203 7.45 16.08 18.22
C MET A 203 6.26 16.32 17.29
N GLU A 204 5.09 15.81 17.64
CA GLU A 204 3.87 16.17 16.94
C GLU A 204 3.50 17.65 17.13
N SER A 205 3.76 18.23 18.30
CA SER A 205 3.38 19.64 18.49
C SER A 205 4.22 20.54 17.60
N ILE A 206 5.48 20.19 17.39
CA ILE A 206 6.38 21.08 16.65
C ILE A 206 6.63 20.67 15.19
N GLY A 207 6.25 19.43 14.85
CA GLY A 207 6.51 18.86 13.54
C GLY A 207 5.28 18.38 12.75
N ASN A 208 4.11 18.37 13.36
CA ASN A 208 2.92 17.90 12.68
C ASN A 208 1.98 19.04 12.51
N ALA A 209 1.15 18.93 11.49
CA ALA A 209 0.19 19.95 11.20
C ALA A 209 -1.00 19.33 10.50
N LYS A 210 -2.10 20.06 10.57
CA LYS A 210 -3.30 19.71 9.85
C LYS A 210 -3.15 20.21 8.45
N THR A 211 -3.20 19.29 7.50
CA THR A 211 -3.31 19.66 6.11
C THR A 211 -4.75 19.44 5.68
N THR A 212 -5.04 19.69 4.39
CA THR A 212 -6.39 19.44 3.84
C THR A 212 -6.78 17.97 3.88
N ARG A 213 -5.80 17.08 3.89
CA ARG A 213 -6.10 15.65 3.79
C ARG A 213 -5.79 14.86 5.04
N ASN A 214 -5.31 15.49 6.09
CA ASN A 214 -4.87 14.71 7.25
C ASN A 214 -4.74 15.65 8.41
N ASP A 215 -5.40 15.31 9.51
CA ASP A 215 -5.51 16.20 10.64
C ASP A 215 -4.22 16.31 11.46
N ASN A 216 -3.35 15.33 11.29
CA ASN A 216 -2.18 15.21 12.11
C ASN A 216 -1.02 14.67 11.31
N SER A 217 -0.52 15.48 10.38
CA SER A 217 0.42 15.00 9.40
C SER A 217 1.80 15.43 9.81
N SER A 218 2.77 14.51 9.81
CA SER A 218 4.17 14.90 10.07
C SER A 218 4.78 15.54 8.84
N ARG A 219 5.27 16.75 9.00
CA ARG A 219 5.83 17.50 7.87
C ARG A 219 7.37 17.49 8.00
N PHE A 220 7.91 16.36 8.44
CA PHE A 220 9.34 16.20 8.60
C PHE A 220 9.62 14.71 8.68
N GLY A 221 10.87 14.31 8.43
CA GLY A 221 11.26 12.92 8.63
C GLY A 221 11.95 12.73 9.98
N LYS A 222 11.45 11.80 10.78
CA LYS A 222 11.99 11.51 12.14
C LYS A 222 12.71 10.16 12.17
N TYR A 223 13.97 10.17 12.57
CA TYR A 223 14.83 8.98 12.63
C TYR A 223 15.27 8.73 14.07
N ILE A 224 14.72 7.68 14.68
CA ILE A 224 15.01 7.31 16.06
C ILE A 224 16.02 6.17 15.99
N GLU A 225 17.28 6.50 16.24
CA GLU A 225 18.37 5.52 16.28
C GLU A 225 18.28 4.82 17.62
N ILE A 226 17.92 3.55 17.61
CA ILE A 226 17.85 2.75 18.84
C ILE A 226 19.27 2.23 19.03
N GLY A 227 19.91 2.66 20.10
CA GLY A 227 21.31 2.37 20.31
C GLY A 227 21.48 1.09 21.08
N PHE A 228 22.37 0.24 20.59
CA PHE A 228 22.70 -1.03 21.21
C PHE A 228 24.15 -1.06 21.65
N ASP A 229 24.41 -1.59 22.84
CA ASP A 229 25.79 -1.83 23.29
C ASP A 229 26.46 -2.98 22.55
N LYS A 230 27.62 -3.37 23.07
CA LYS A 230 28.47 -4.43 22.50
C LYS A 230 27.83 -5.83 22.53
N ARG A 231 26.94 -6.04 23.52
CA ARG A 231 26.10 -7.23 23.69
C ARG A 231 24.62 -7.02 23.27
N TYR A 232 24.41 -6.12 22.32
CA TYR A 232 23.09 -5.88 21.71
C TYR A 232 21.96 -5.84 22.71
N ARG A 233 22.19 -5.12 23.79
CA ARG A 233 21.13 -4.73 24.69
C ARG A 233 20.86 -3.27 24.34
N ILE A 234 19.63 -2.83 24.49
CA ILE A 234 19.28 -1.46 24.24
C ILE A 234 19.77 -0.61 25.38
N ILE A 235 20.60 0.37 25.02
CA ILE A 235 21.11 1.34 25.99
C ILE A 235 20.35 2.67 25.94
N GLY A 236 19.88 3.07 24.76
CA GLY A 236 19.11 4.30 24.64
C GLY A 236 18.73 4.66 23.21
N ALA A 237 18.36 5.92 23.01
CA ALA A 237 17.99 6.40 21.67
C ALA A 237 18.54 7.78 21.34
N ASN A 238 18.62 8.06 20.04
CA ASN A 238 19.00 9.34 19.49
C ASN A 238 18.02 9.77 18.35
N MET A 239 17.28 10.85 18.55
CA MET A 239 16.42 11.36 17.47
C MET A 239 17.18 12.30 16.53
N ARG A 240 17.25 11.95 15.25
CA ARG A 240 17.57 12.88 14.18
C ARG A 240 16.32 13.27 13.36
N THR A 241 16.25 14.55 12.96
CA THR A 241 15.15 15.08 12.15
C THR A 241 15.64 15.73 10.87
N TYR A 242 14.80 15.58 9.85
CA TYR A 242 15.10 15.98 8.49
C TYR A 242 13.87 16.54 7.82
N LEU A 243 14.11 17.34 6.77
CA LEU A 243 13.04 17.71 5.84
C LEU A 243 11.91 18.51 6.41
N LEU A 244 12.19 19.30 7.46
CA LEU A 244 11.14 20.04 8.09
C LEU A 244 10.60 21.01 7.06
N GLU A 245 9.28 21.09 7.01
CA GLU A 245 8.58 21.99 6.10
C GLU A 245 8.58 23.39 6.68
N LYS A 246 9.70 24.09 6.47
CA LYS A 246 9.86 25.47 6.95
C LYS A 246 8.77 26.42 6.46
N SER A 247 8.32 26.25 5.23
CA SER A 247 7.36 27.17 4.62
C SER A 247 6.09 27.33 5.43
N ARG A 248 5.69 26.26 6.11
CA ARG A 248 4.46 26.19 6.87
C ARG A 248 4.48 27.15 8.07
N VAL A 249 5.66 27.44 8.62
CA VAL A 249 5.78 28.36 9.75
C VAL A 249 5.13 29.72 9.49
N VAL A 250 5.21 30.18 8.24
CA VAL A 250 4.76 31.51 7.87
C VAL A 250 3.66 31.53 6.83
N PHE A 251 3.29 30.37 6.27
CA PHE A 251 2.27 30.29 5.23
C PHE A 251 1.45 29.03 5.39
N GLN A 252 0.14 29.17 5.39
CA GLN A 252 -0.72 28.01 5.21
C GLN A 252 -1.67 28.24 4.05
N ALA A 253 -1.94 27.16 3.32
CA ALA A 253 -2.93 27.17 2.30
C ALA A 253 -4.26 27.04 3.00
N GLU A 254 -5.30 27.21 2.21
CA GLU A 254 -6.67 27.06 2.69
C GLU A 254 -6.92 25.73 3.38
N GLU A 255 -7.50 25.80 4.57
CA GLU A 255 -7.89 24.65 5.40
C GLU A 255 -6.71 23.89 6.03
N GLU A 256 -5.57 24.55 6.03
CA GLU A 256 -4.40 24.03 6.67
C GLU A 256 -4.01 24.89 7.84
N ARG A 257 -3.33 24.26 8.78
CA ARG A 257 -2.82 24.96 9.94
C ARG A 257 -1.30 24.94 9.93
N ASN A 258 -0.77 25.84 10.70
CA ASN A 258 0.60 25.81 11.12
C ASN A 258 0.81 24.63 12.03
N TYR A 259 2.04 24.40 12.45
CA TYR A 259 2.35 23.32 13.37
C TYR A 259 1.46 23.42 14.63
N HIS A 260 1.05 22.26 15.14
CA HIS A 260 0.09 22.18 16.22
C HIS A 260 0.46 23.09 17.41
N ILE A 261 1.74 23.21 17.73
CA ILE A 261 2.13 23.87 19.00
C ILE A 261 1.59 25.28 19.08
N PHE A 262 1.50 25.95 17.94
CA PHE A 262 0.99 27.31 17.90
C PHE A 262 -0.46 27.41 18.31
N TYR A 263 -1.25 26.43 17.93
CA TYR A 263 -2.67 26.41 18.30
C TYR A 263 -2.84 25.91 19.74
N GLN A 264 -2.00 24.98 20.18
CA GLN A 264 -1.92 24.58 21.59
C GLN A 264 -1.64 25.81 22.50
N LEU A 265 -0.76 26.69 22.03
CA LEU A 265 -0.38 27.86 22.79
C LEU A 265 -1.50 28.89 22.77
N CYS A 266 -2.11 29.13 21.60
CA CYS A 266 -3.15 30.13 21.50
C CYS A 266 -4.43 29.75 22.27
N ALA A 267 -4.72 28.46 22.31
CA ALA A 267 -5.91 27.97 23.01
C ALA A 267 -5.69 28.01 24.51
N SER A 268 -4.43 28.03 24.92
CA SER A 268 -3.99 28.19 26.31
C SER A 268 -3.72 29.67 26.70
N ALA A 269 -4.22 30.61 25.91
CA ALA A 269 -3.88 32.03 26.04
C ALA A 269 -4.28 32.63 27.41
N ALA A 270 -5.33 32.09 28.03
CA ALA A 270 -5.90 32.61 29.27
C ALA A 270 -5.34 31.92 30.51
N LEU A 271 -4.54 30.89 30.33
CA LEU A 271 -3.80 30.34 31.46
C LEU A 271 -2.90 31.40 32.09
N PRO A 272 -2.99 31.54 33.40
CA PRO A 272 -2.25 32.59 34.13
C PRO A 272 -0.77 32.66 33.81
N GLU A 273 -0.14 31.51 33.70
CA GLU A 273 1.30 31.44 33.49
C GLU A 273 1.75 31.91 32.11
N PHE A 274 0.79 32.20 31.21
CA PHE A 274 1.07 32.65 29.85
C PHE A 274 0.57 34.08 29.61
N LYS A 275 0.10 34.74 30.67
CA LYS A 275 -0.42 36.11 30.54
C LYS A 275 0.59 37.03 29.84
N THR A 276 1.87 36.84 30.13
CA THR A 276 2.91 37.70 29.57
C THR A 276 3.17 37.46 28.08
N LEU A 277 2.75 36.30 27.58
CA LEU A 277 2.86 35.95 26.17
C LEU A 277 1.87 36.74 25.35
N ARG A 278 0.83 37.22 26.01
CA ARG A 278 -0.14 38.14 25.41
C ARG A 278 -0.61 37.55 24.11
N LEU A 279 -1.21 36.38 24.18
CA LEU A 279 -1.66 35.65 23.01
C LEU A 279 -3.08 35.97 22.79
N GLY A 280 -3.48 36.06 21.53
CA GLY A 280 -4.89 36.02 21.18
C GLY A 280 -5.25 34.61 20.77
N ASN A 281 -6.47 34.41 20.30
CA ASN A 281 -6.83 33.15 19.67
C ASN A 281 -6.11 32.99 18.30
N ALA A 282 -6.21 31.81 17.72
CA ALA A 282 -5.44 31.44 16.52
C ALA A 282 -5.74 32.35 15.32
N ASN A 283 -6.96 32.89 15.25
CA ASN A 283 -7.32 33.83 14.18
C ASN A 283 -6.76 35.25 14.35
N TYR A 284 -6.15 35.52 15.50
CA TYR A 284 -5.46 36.79 15.77
C TYR A 284 -4.15 36.97 14.98
N PHE A 285 -3.40 35.87 14.80
CA PHE A 285 -2.05 35.93 14.26
C PHE A 285 -1.96 35.55 12.80
N HIS A 286 -1.29 36.41 12.04
CA HIS A 286 -1.02 36.18 10.62
C HIS A 286 -0.48 34.77 10.36
N TYR A 287 0.43 34.32 11.21
CA TYR A 287 1.06 33.04 11.02
C TYR A 287 0.21 31.83 11.37
N THR A 288 -0.94 32.01 12.01
CA THR A 288 -1.83 30.88 12.32
C THR A 288 -3.20 31.00 11.68
N LYS A 289 -3.50 32.09 10.99
CA LYS A 289 -4.88 32.35 10.59
C LYS A 289 -5.14 32.11 9.11
N GLN A 290 -4.09 31.88 8.35
CA GLN A 290 -4.18 31.89 6.92
C GLN A 290 -5.06 30.81 6.32
N GLY A 291 -5.19 29.67 6.98
CA GLY A 291 -5.97 28.59 6.43
C GLY A 291 -7.44 28.69 6.79
N GLY A 292 -7.81 29.61 7.68
CA GLY A 292 -9.17 29.67 8.19
C GLY A 292 -9.61 28.39 8.89
N SER A 293 -8.69 27.70 9.56
CA SER A 293 -9.00 26.44 10.23
C SER A 293 -8.38 26.41 11.61
N PRO A 294 -8.79 27.31 12.52
CA PRO A 294 -8.20 27.32 13.85
C PRO A 294 -8.40 26.03 14.64
N VAL A 295 -9.49 25.32 14.34
CA VAL A 295 -9.96 24.19 15.14
C VAL A 295 -10.02 22.95 14.26
N ILE A 296 -9.48 21.85 14.78
CA ILE A 296 -9.63 20.55 14.16
C ILE A 296 -10.70 19.80 14.94
N ASP A 297 -11.65 19.21 14.22
CA ASP A 297 -12.81 18.57 14.86
C ASP A 297 -12.31 17.43 15.71
N GLY A 298 -12.80 17.36 16.93
CA GLY A 298 -12.37 16.34 17.86
C GLY A 298 -11.10 16.65 18.66
N ILE A 299 -10.40 17.75 18.33
CA ILE A 299 -9.12 18.08 19.00
C ILE A 299 -9.31 19.31 19.88
N ASP A 300 -8.88 19.17 21.12
CA ASP A 300 -8.90 20.24 22.08
C ASP A 300 -7.45 20.66 22.21
N ASP A 301 -7.08 21.73 21.51
CA ASP A 301 -5.70 22.17 21.49
C ASP A 301 -5.22 22.55 22.88
N ALA A 302 -6.09 23.12 23.71
CA ALA A 302 -5.71 23.36 25.14
C ALA A 302 -5.37 22.08 25.90
N LYS A 303 -6.11 21.00 25.65
CA LYS A 303 -5.79 19.72 26.28
C LYS A 303 -4.50 19.15 25.73
N GLU A 304 -4.23 19.35 24.44
CA GLU A 304 -3.03 18.79 23.85
C GLU A 304 -1.83 19.57 24.40
N MET A 305 -2.01 20.85 24.71
CA MET A 305 -0.94 21.67 25.34
C MET A 305 -0.52 21.04 26.66
N VAL A 306 -1.51 20.60 27.45
CA VAL A 306 -1.25 19.94 28.74
C VAL A 306 -0.41 18.70 28.52
N ASN A 307 -0.80 17.90 27.54
CA ASN A 307 -0.04 16.74 27.14
C ASN A 307 1.38 17.06 26.75
N THR A 308 1.53 18.12 25.95
CA THR A 308 2.82 18.55 25.50
C THR A 308 3.71 18.95 26.66
N ARG A 309 3.17 19.70 27.59
CA ARG A 309 3.97 20.16 28.76
C ARG A 309 4.36 19.01 29.67
N GLN A 310 3.42 18.10 29.90
CA GLN A 310 3.67 16.87 30.68
C GLN A 310 4.78 16.09 30.05
N ALA A 311 4.72 15.96 28.74
CA ALA A 311 5.74 15.21 28.00
C ALA A 311 7.08 15.92 28.10
N CYS A 312 7.06 17.25 28.02
CA CYS A 312 8.28 18.04 28.17
C CYS A 312 8.90 17.77 29.55
N THR A 313 8.05 17.73 30.58
CA THR A 313 8.49 17.45 31.95
C THR A 313 9.03 16.04 32.02
N LEU A 314 8.32 15.09 31.41
CA LEU A 314 8.75 13.70 31.40
C LEU A 314 10.09 13.51 30.71
N LEU A 315 10.44 14.40 29.78
CA LEU A 315 11.72 14.25 29.09
C LEU A 315 12.83 15.17 29.60
N GLY A 316 12.62 15.75 30.78
CA GLY A 316 13.68 16.43 31.51
C GLY A 316 13.84 17.90 31.17
N ILE A 317 12.89 18.48 30.42
CA ILE A 317 12.93 19.89 30.09
C ILE A 317 12.30 20.69 31.23
N SER A 318 13.15 21.40 31.96
CA SER A 318 12.75 22.20 33.13
C SER A 318 11.63 23.17 32.81
N ASP A 319 10.91 23.61 33.84
CA ASP A 319 9.76 24.49 33.66
C ASP A 319 10.12 25.89 33.16
N SER A 320 11.31 26.37 33.52
CA SER A 320 11.80 27.65 33.00
C SER A 320 12.05 27.52 31.49
N TYR A 321 12.68 26.43 31.07
CA TYR A 321 12.96 26.21 29.66
C TYR A 321 11.69 26.01 28.82
N GLN A 322 10.68 25.37 29.40
CA GLN A 322 9.39 25.20 28.74
C GLN A 322 8.80 26.57 28.48
N MET A 323 8.78 27.41 29.51
CA MET A 323 8.25 28.76 29.40
C MET A 323 9.02 29.61 28.38
N GLY A 324 10.31 29.30 28.23
CA GLY A 324 11.15 29.92 27.24
C GLY A 324 10.79 29.44 25.85
N ILE A 325 10.49 28.15 25.69
CA ILE A 325 10.02 27.63 24.41
C ILE A 325 8.79 28.40 24.03
N PHE A 326 7.87 28.56 24.97
CA PHE A 326 6.59 29.19 24.66
C PHE A 326 6.69 30.70 24.43
N ARG A 327 7.63 31.33 25.13
CA ARG A 327 7.97 32.73 24.93
C ARG A 327 8.45 32.92 23.50
N ILE A 328 9.30 32.03 23.05
CA ILE A 328 9.86 32.13 21.71
C ILE A 328 8.80 31.91 20.62
N LEU A 329 7.91 30.94 20.83
CA LEU A 329 6.79 30.71 19.92
C LEU A 329 5.84 31.88 19.94
N ALA A 330 5.55 32.39 21.11
CA ALA A 330 4.70 33.56 21.20
C ALA A 330 5.36 34.75 20.45
N GLY A 331 6.67 34.84 20.56
CA GLY A 331 7.42 35.87 19.87
C GLY A 331 7.32 35.69 18.37
N ILE A 332 7.41 34.46 17.88
CA ILE A 332 7.24 34.22 16.45
C ILE A 332 5.89 34.70 16.03
N LEU A 333 4.87 34.39 16.81
CA LEU A 333 3.50 34.78 16.47
C LEU A 333 3.35 36.30 16.44
N HIS A 334 3.91 37.03 17.42
CA HIS A 334 3.74 38.49 17.42
C HIS A 334 4.59 39.06 16.27
N LEU A 335 5.75 38.44 16.05
CA LEU A 335 6.64 38.86 14.97
C LEU A 335 5.90 38.87 13.66
N GLY A 336 5.10 37.84 13.43
CA GLY A 336 4.33 37.71 12.21
C GLY A 336 3.28 38.76 12.01
N ASN A 337 2.86 39.39 13.09
CA ASN A 337 1.88 40.48 13.04
C ASN A 337 2.54 41.84 12.78
N VAL A 338 3.86 41.92 12.85
CA VAL A 338 4.55 43.17 12.56
C VAL A 338 4.20 43.59 11.15
N GLU A 339 3.74 44.82 11.03
CA GLU A 339 3.26 45.37 9.77
C GLU A 339 4.23 46.46 9.37
N PHE A 340 4.59 46.51 8.09
CA PHE A 340 5.52 47.48 7.55
C PHE A 340 4.74 48.53 6.78
N ALA A 341 5.11 49.80 6.94
CA ALA A 341 4.57 50.87 6.08
C ALA A 341 5.57 51.12 4.95
N SER A 342 5.09 51.25 3.74
CA SER A 342 5.95 51.67 2.64
C SER A 342 6.24 53.16 2.80
N ARG A 343 7.52 53.53 2.74
CA ARG A 343 7.98 54.92 2.78
C ARG A 343 8.74 55.26 1.50
N ASP A 344 9.06 56.56 1.38
CA ASP A 344 9.68 57.13 0.17
C ASP A 344 10.81 56.29 -0.42
N SER A 345 10.85 56.22 -1.74
CA SER A 345 11.94 55.54 -2.47
C SER A 345 11.98 54.02 -2.17
N ASP A 346 10.81 53.38 -2.19
CA ASP A 346 10.74 51.93 -1.97
C ASP A 346 11.53 51.53 -0.69
N SER A 347 11.25 52.23 0.39
CA SER A 347 11.77 51.87 1.69
C SER A 347 10.57 51.54 2.56
N CYS A 348 10.81 51.24 3.83
CA CYS A 348 9.67 50.98 4.71
C CYS A 348 10.00 51.37 6.15
N ALA A 349 8.98 51.41 7.00
CA ALA A 349 9.18 51.68 8.42
C ALA A 349 8.13 50.96 9.23
N ILE A 350 8.41 50.81 10.52
CA ILE A 350 7.42 50.25 11.43
C ILE A 350 6.68 51.40 12.14
N PRO A 351 5.36 51.46 12.00
CA PRO A 351 4.54 52.45 12.71
C PRO A 351 5.05 52.73 14.13
N PRO A 352 4.88 53.95 14.64
CA PRO A 352 5.30 54.27 16.02
C PRO A 352 4.50 53.42 17.03
N LYS A 353 5.18 52.92 18.05
CA LYS A 353 4.53 52.17 19.14
C LYS A 353 3.69 50.99 18.62
N HIS A 354 4.27 50.25 17.68
CA HIS A 354 3.56 49.14 17.03
C HIS A 354 3.44 47.96 17.99
N ASP A 355 2.20 47.65 18.35
CA ASP A 355 1.90 46.67 19.41
C ASP A 355 2.59 45.32 19.19
N PRO A 356 2.46 44.74 17.99
CA PRO A 356 3.18 43.49 17.67
C PRO A 356 4.67 43.54 17.91
N LEU A 357 5.32 44.65 17.56
CA LEU A 357 6.76 44.75 17.73
C LEU A 357 7.16 44.95 19.21
N THR A 358 6.42 45.79 19.91
CA THR A 358 6.66 46.06 21.33
C THR A 358 6.62 44.75 22.10
N ILE A 359 5.55 43.99 21.88
CA ILE A 359 5.42 42.68 22.52
C ILE A 359 6.55 41.76 22.14
N PHE A 360 6.91 41.75 20.86
CA PHE A 360 7.98 40.86 20.40
C PHE A 360 9.29 41.19 21.09
N CYS A 361 9.59 42.49 21.14
CA CYS A 361 10.83 42.97 21.76
C CYS A 361 10.82 42.76 23.27
N ASP A 362 9.65 42.90 23.89
CA ASP A 362 9.50 42.58 25.32
C ASP A 362 9.79 41.10 25.58
N LEU A 363 9.20 40.22 24.78
CA LEU A 363 9.29 38.78 25.03
C LEU A 363 10.70 38.28 24.78
N MET A 364 11.34 38.84 23.77
CA MET A 364 12.70 38.44 23.42
C MET A 364 13.75 39.23 24.23
N GLY A 365 13.35 40.37 24.78
CA GLY A 365 14.27 41.19 25.58
C GLY A 365 15.30 41.92 24.73
N VAL A 366 14.83 42.57 23.69
CA VAL A 366 15.68 43.31 22.77
C VAL A 366 15.11 44.70 22.66
N ASP A 367 15.97 45.64 22.28
CA ASP A 367 15.56 47.04 22.23
C ASP A 367 14.62 47.26 21.05
N TYR A 368 13.51 47.94 21.31
CA TYR A 368 12.50 48.21 20.29
C TYR A 368 13.11 48.87 19.06
N GLU A 369 13.81 49.98 19.26
CA GLU A 369 14.36 50.76 18.16
C GLU A 369 15.44 50.04 17.39
N GLU A 370 16.24 49.23 18.09
CA GLU A 370 17.32 48.48 17.46
C GLU A 370 16.68 47.39 16.57
N MET A 371 15.55 46.82 17.00
CA MET A 371 14.84 45.82 16.19
C MET A 371 14.10 46.45 15.03
N ALA A 372 13.40 47.54 15.29
CA ALA A 372 12.61 48.23 14.26
C ALA A 372 13.53 48.75 13.17
N HIS A 373 14.73 49.16 13.56
CA HIS A 373 15.69 49.67 12.60
C HIS A 373 16.12 48.53 11.65
N TRP A 374 16.55 47.40 12.23
CA TRP A 374 17.10 46.31 11.43
C TRP A 374 16.06 45.45 10.69
N LEU A 375 14.78 45.64 11.01
CA LEU A 375 13.69 45.02 10.25
C LEU A 375 13.41 45.76 8.96
N CYS A 376 13.98 46.95 8.83
CA CYS A 376 13.75 47.81 7.68
C CYS A 376 15.04 48.24 6.98
N HIS A 377 16.19 47.76 7.45
CA HIS A 377 17.47 48.10 6.83
C HIS A 377 18.36 46.87 6.75
N ARG A 378 19.31 46.91 5.83
CA ARG A 378 20.38 45.93 5.72
C ARG A 378 21.71 46.64 5.56
N LYS A 379 22.79 45.87 5.73
CA LYS A 379 24.13 46.39 5.49
C LYS A 379 24.59 46.00 4.09
N LEU A 380 25.28 46.93 3.43
CA LEU A 380 25.86 46.69 2.10
C LEU A 380 27.33 47.12 2.11
N ALA A 381 28.21 46.19 2.46
CA ALA A 381 29.66 46.42 2.54
C ALA A 381 30.45 45.28 1.90
N THR A 386 30.37 50.94 3.19
CA THR A 386 29.50 50.33 4.20
C THR A 386 28.30 51.22 4.48
N TYR A 387 27.39 51.31 3.51
CA TYR A 387 26.19 52.13 3.65
C TYR A 387 25.10 51.36 4.41
N ILE A 388 24.11 52.09 4.91
CA ILE A 388 22.95 51.49 5.57
C ILE A 388 21.78 51.72 4.62
N LYS A 389 21.49 50.69 3.82
CA LYS A 389 20.48 50.81 2.78
C LYS A 389 19.11 50.50 3.36
N PRO A 390 18.12 51.31 3.00
CA PRO A 390 16.73 50.93 3.26
C PRO A 390 16.36 49.75 2.37
N ILE A 391 15.44 48.92 2.85
CA ILE A 391 14.88 47.88 2.03
C ILE A 391 13.43 48.17 1.83
N SER A 392 12.87 47.55 0.80
CA SER A 392 11.47 47.70 0.47
C SER A 392 10.60 46.88 1.43
N LYS A 393 9.30 47.17 1.39
CA LYS A 393 8.32 46.46 2.17
C LYS A 393 8.31 44.94 1.86
N LEU A 394 8.34 44.57 0.59
CA LEU A 394 8.34 43.15 0.19
C LEU A 394 9.61 42.46 0.72
N HIS A 395 10.74 43.14 0.63
CA HIS A 395 11.98 42.59 1.12
C HIS A 395 11.94 42.47 2.64
N ALA A 396 11.29 43.43 3.31
CA ALA A 396 11.19 43.42 4.77
C ALA A 396 10.29 42.27 5.26
N ILE A 397 9.20 42.03 4.55
CA ILE A 397 8.31 40.93 4.84
C ILE A 397 9.04 39.61 4.67
N ASN A 398 9.75 39.46 3.55
CA ASN A 398 10.49 38.25 3.25
C ASN A 398 11.52 38.03 4.33
N ALA A 399 12.23 39.10 4.71
CA ALA A 399 13.19 39.01 5.79
C ALA A 399 12.55 38.65 7.14
N ARG A 400 11.37 39.17 7.39
CA ARG A 400 10.70 38.92 8.65
C ARG A 400 10.25 37.45 8.73
N ASP A 401 9.71 36.97 7.62
CA ASP A 401 9.38 35.55 7.49
C ASP A 401 10.60 34.66 7.64
N ALA A 402 11.67 34.96 6.93
CA ALA A 402 12.90 34.20 7.03
C ALA A 402 13.39 34.14 8.48
N LEU A 403 13.26 35.25 9.20
CA LEU A 403 13.58 35.31 10.62
C LEU A 403 12.69 34.37 11.44
N ALA A 404 11.39 34.44 11.23
CA ALA A 404 10.44 33.56 11.92
C ALA A 404 10.80 32.09 11.68
N LYS A 405 11.12 31.76 10.43
CA LYS A 405 11.44 30.40 10.05
C LYS A 405 12.74 29.95 10.68
N HIS A 406 13.71 30.87 10.70
CA HIS A 406 15.00 30.61 11.28
C HIS A 406 14.87 30.37 12.77
N ILE A 407 14.10 31.18 13.46
CA ILE A 407 13.94 31.01 14.91
C ILE A 407 13.24 29.66 15.17
N TYR A 408 12.19 29.39 14.41
CA TYR A 408 11.46 28.12 14.53
C TYR A 408 12.31 26.92 14.30
N ALA A 409 13.08 26.94 13.24
CA ALA A 409 13.89 25.81 12.90
C ALA A 409 14.90 25.56 14.02
N ASN A 410 15.48 26.64 14.56
CA ASN A 410 16.48 26.49 15.60
C ASN A 410 15.83 26.11 16.91
N LEU A 411 14.64 26.62 17.20
CA LEU A 411 13.89 26.16 18.36
C LEU A 411 13.65 24.66 18.22
N PHE A 412 13.21 24.25 17.03
CA PHE A 412 12.87 22.86 16.78
C PHE A 412 14.11 22.04 17.07
N ASN A 413 15.26 22.50 16.61
CA ASN A 413 16.49 21.73 16.80
C ASN A 413 16.92 21.68 18.27
N TRP A 414 16.72 22.78 18.97
CA TRP A 414 16.96 22.86 20.40
C TRP A 414 16.12 21.82 21.14
N ILE A 415 14.80 21.86 20.94
CA ILE A 415 13.89 20.90 21.55
C ILE A 415 14.32 19.47 21.32
N VAL A 416 14.73 19.16 20.10
CA VAL A 416 15.20 17.85 19.72
C VAL A 416 16.50 17.48 20.47
N ASP A 417 17.46 18.40 20.49
CA ASP A 417 18.73 18.22 21.19
C ASP A 417 18.47 17.87 22.65
N HIS A 418 17.49 18.52 23.25
CA HIS A 418 17.19 18.32 24.66
C HIS A 418 16.34 17.08 24.93
N VAL A 419 15.47 16.71 24.00
CA VAL A 419 14.82 15.40 24.07
C VAL A 419 15.94 14.36 24.06
N ASN A 420 16.94 14.59 23.23
CA ASN A 420 18.02 13.63 23.10
C ASN A 420 18.83 13.45 24.39
N LYS A 421 18.99 14.51 25.16
CA LYS A 421 19.67 14.45 26.44
C LYS A 421 18.98 13.43 27.34
N ALA A 422 17.66 13.42 27.33
CA ALA A 422 16.88 12.38 28.02
C ALA A 422 16.92 10.95 27.42
N LEU A 423 17.11 10.80 26.11
CA LEU A 423 17.15 9.46 25.48
C LEU A 423 18.56 8.84 25.37
N HIS A 424 19.58 9.69 25.45
CA HIS A 424 20.97 9.22 25.36
C HIS A 424 21.34 8.37 26.59
N SER A 425 22.24 7.42 26.38
CA SER A 425 22.78 6.61 27.46
C SER A 425 24.26 6.95 27.69
N THR A 426 24.71 6.73 28.93
CA THR A 426 26.12 6.86 29.26
C THR A 426 26.91 5.70 28.65
N VAL A 427 26.34 4.50 28.68
CA VAL A 427 26.98 3.34 28.05
C VAL A 427 27.32 3.68 26.61
N LYS A 428 28.50 3.28 26.14
CA LYS A 428 28.88 3.57 24.77
C LYS A 428 28.06 2.69 23.81
N GLN A 429 27.85 3.22 22.60
CA GLN A 429 27.05 2.59 21.56
C GLN A 429 27.92 1.84 20.57
N HIS A 430 27.59 0.59 20.33
CA HIS A 430 28.31 -0.24 19.37
C HIS A 430 27.60 -0.27 18.01
N SER A 431 26.27 -0.24 18.04
CA SER A 431 25.47 -0.36 16.84
C SER A 431 24.12 0.29 17.02
N PHE A 432 23.41 0.51 15.92
CA PHE A 432 22.04 1.01 16.06
C PHE A 432 21.07 0.51 15.00
N ILE A 433 19.80 0.49 15.36
CA ILE A 433 18.73 0.29 14.37
C ILE A 433 17.89 1.55 14.42
N GLY A 434 17.88 2.29 13.33
CA GLY A 434 17.11 3.53 13.27
C GLY A 434 15.75 3.29 12.66
N VAL A 435 14.71 3.80 13.29
CA VAL A 435 13.35 3.70 12.74
C VAL A 435 13.07 5.08 12.09
N LEU A 436 12.96 5.10 10.78
CA LEU A 436 12.63 6.32 10.04
C LEU A 436 11.12 6.37 9.86
N ASP A 437 10.53 7.36 10.44
CA ASP A 437 9.13 7.71 10.17
C ASP A 437 9.08 8.79 9.07
N ILE A 438 8.65 8.40 7.88
CA ILE A 438 8.69 9.26 6.69
C ILE A 438 7.35 9.18 5.90
N TYR A 439 6.96 10.29 5.32
CA TYR A 439 5.74 10.35 4.48
C TYR A 439 5.98 9.63 3.17
N GLY A 440 4.95 9.07 2.57
CA GLY A 440 5.02 8.54 1.23
C GLY A 440 4.81 9.69 0.22
N PHE A 441 4.68 9.41 -1.06
CA PHE A 441 4.28 10.45 -1.99
C PHE A 441 3.01 11.15 -1.53
N GLU A 442 2.95 12.48 -1.71
CA GLU A 442 1.79 13.27 -1.35
C GLU A 442 1.27 13.98 -2.61
N THR A 443 0.02 13.68 -2.95
CA THR A 443 -0.63 14.24 -4.12
C THR A 443 -2.03 14.63 -3.76
N PHE A 444 -2.24 15.95 -3.75
CA PHE A 444 -3.55 16.56 -3.61
C PHE A 444 -4.04 16.97 -5.00
N GLU A 445 -5.19 17.65 -5.06
CA GLU A 445 -5.67 18.18 -6.35
C GLU A 445 -4.77 19.32 -6.78
N ILE A 446 -4.47 20.20 -5.83
CA ILE A 446 -3.56 21.29 -5.99
C ILE A 446 -2.26 20.99 -5.26
N ASN A 447 -1.18 20.83 -6.02
CA ASN A 447 0.14 20.54 -5.46
C ASN A 447 1.02 21.72 -5.60
N SER A 448 1.71 22.03 -4.51
CA SER A 448 2.60 23.16 -4.43
C SER A 448 4.00 22.68 -4.01
N PHE A 449 4.81 23.61 -3.52
CA PHE A 449 6.20 23.38 -3.18
C PHE A 449 6.35 22.30 -2.07
N GLU A 450 5.40 22.27 -1.14
CA GLU A 450 5.40 21.33 -0.02
C GLU A 450 5.33 19.93 -0.56
N GLN A 451 4.39 19.68 -1.48
CA GLN A 451 4.23 18.38 -2.07
C GLN A 451 5.41 18.03 -2.98
N PHE A 452 5.90 19.03 -3.72
CA PHE A 452 7.04 18.82 -4.58
C PHE A 452 8.23 18.32 -3.76
N CYS A 453 8.48 18.92 -2.61
CA CYS A 453 9.59 18.50 -1.75
C CYS A 453 9.39 17.08 -1.22
N ILE A 454 8.18 16.79 -0.75
CA ILE A 454 7.85 15.46 -0.26
C ILE A 454 8.11 14.41 -1.30
N ASN A 455 7.66 14.66 -2.52
CA ASN A 455 7.75 13.72 -3.60
C ASN A 455 9.18 13.56 -4.11
N TYR A 456 9.95 14.63 -4.04
CA TYR A 456 11.40 14.62 -4.24
C TYR A 456 12.07 13.70 -3.22
N ALA A 457 11.81 13.89 -1.94
CA ALA A 457 12.26 13.01 -0.88
C ALA A 457 11.96 11.57 -1.19
N ASN A 458 10.73 11.30 -1.63
CA ASN A 458 10.30 9.97 -2.05
C ASN A 458 11.06 9.41 -3.26
N GLU A 459 11.40 10.24 -4.24
CA GLU A 459 12.26 9.76 -5.32
C GLU A 459 13.62 9.31 -4.80
N LYS A 460 14.21 10.05 -3.88
CA LYS A 460 15.50 9.69 -3.32
C LYS A 460 15.42 8.40 -2.52
N LEU A 461 14.38 8.23 -1.71
CA LEU A 461 14.19 7.03 -0.92
C LEU A 461 13.94 5.83 -1.79
N GLN A 462 13.19 6.04 -2.86
CA GLN A 462 12.91 4.98 -3.83
C GLN A 462 14.13 4.49 -4.58
N GLN A 463 15.10 5.38 -4.81
CA GLN A 463 16.31 4.98 -5.48
C GLN A 463 17.07 4.00 -4.60
N GLN A 464 17.18 4.32 -3.31
CA GLN A 464 17.82 3.47 -2.34
C GLN A 464 17.13 2.12 -2.28
N PHE A 465 15.79 2.11 -2.20
CA PHE A 465 15.03 0.86 -2.23
C PHE A 465 15.29 0.04 -3.49
N ASN A 466 15.22 0.69 -4.64
CA ASN A 466 15.37 0.00 -5.94
C ASN A 466 16.74 -0.67 -6.06
N MET A 467 17.76 0.02 -5.56
CA MET A 467 19.12 -0.44 -5.61
C MET A 467 19.29 -1.58 -4.64
N HIS A 468 18.63 -1.47 -3.48
CA HIS A 468 18.65 -2.52 -2.51
C HIS A 468 18.06 -3.79 -3.06
N VAL A 469 16.90 -3.66 -3.69
CA VAL A 469 16.15 -4.81 -4.17
C VAL A 469 16.92 -5.43 -5.29
N PHE A 470 17.43 -4.62 -6.19
CA PHE A 470 18.19 -5.11 -7.33
C PHE A 470 19.43 -5.90 -6.83
N LYS A 471 20.03 -5.46 -5.73
CA LYS A 471 21.18 -6.16 -5.15
C LYS A 471 20.75 -7.50 -4.54
N LEU A 472 19.64 -7.50 -3.81
CA LEU A 472 19.08 -8.74 -3.25
C LEU A 472 18.70 -9.73 -4.34
N GLU A 473 18.29 -9.20 -5.50
CA GLU A 473 17.90 -10.02 -6.63
C GLU A 473 19.09 -10.68 -7.33
N GLN A 474 20.16 -9.92 -7.54
CA GLN A 474 21.41 -10.45 -8.07
C GLN A 474 21.85 -11.59 -7.18
N GLU A 475 21.86 -11.36 -5.88
CA GLU A 475 22.30 -12.35 -4.92
C GLU A 475 21.44 -13.60 -4.98
N GLU A 476 20.12 -13.44 -5.09
CA GLU A 476 19.23 -14.59 -5.18
C GLU A 476 19.49 -15.39 -6.47
N TYR A 477 19.76 -14.68 -7.55
CA TYR A 477 19.94 -15.33 -8.84
C TYR A 477 21.27 -16.08 -8.88
N MET A 478 22.28 -15.48 -8.27
CA MET A 478 23.57 -16.13 -8.03
C MET A 478 23.42 -17.40 -7.20
N LYS A 479 22.66 -17.35 -6.11
CA LYS A 479 22.45 -18.52 -5.28
C LYS A 479 21.82 -19.67 -6.06
N GLU A 480 20.85 -19.35 -6.90
CA GLU A 480 20.12 -20.37 -7.64
C GLU A 480 20.77 -20.69 -8.99
N GLN A 481 21.89 -20.04 -9.29
CA GLN A 481 22.61 -20.20 -10.57
C GLN A 481 21.77 -19.87 -11.79
N ILE A 482 21.21 -18.67 -11.78
CA ILE A 482 20.48 -18.17 -12.92
C ILE A 482 21.20 -16.88 -13.33
N PRO A 483 21.36 -16.63 -14.63
CA PRO A 483 21.99 -15.39 -15.11
C PRO A 483 21.42 -14.09 -14.54
N ASP A 488 17.32 -6.65 -14.95
CA ASP A 488 16.67 -5.40 -15.38
C ASP A 488 16.50 -4.42 -14.22
N PHE A 489 17.08 -3.23 -14.35
CA PHE A 489 17.05 -2.21 -13.29
C PHE A 489 16.31 -0.97 -13.76
N TYR A 490 15.28 -0.57 -13.01
CA TYR A 490 14.49 0.62 -13.31
C TYR A 490 15.07 1.82 -12.55
N ASP A 491 15.83 2.64 -13.29
CA ASP A 491 16.59 3.76 -12.72
C ASP A 491 15.72 5.00 -12.62
N ASN A 492 15.67 5.65 -11.46
CA ASN A 492 14.91 6.91 -11.33
C ASN A 492 15.87 8.11 -11.13
N GLN A 493 17.14 7.91 -11.49
CA GLN A 493 18.10 8.98 -11.46
C GLN A 493 17.68 10.15 -12.34
N PRO A 494 17.13 9.91 -13.53
CA PRO A 494 16.67 11.01 -14.38
C PRO A 494 15.62 11.90 -13.72
N CYS A 495 14.64 11.31 -13.05
CA CYS A 495 13.68 12.10 -12.29
C CYS A 495 14.38 12.91 -11.21
N ILE A 496 15.29 12.24 -10.50
CA ILE A 496 16.03 12.92 -9.47
C ILE A 496 16.81 14.10 -10.07
N ASN A 497 17.43 13.90 -11.24
CA ASN A 497 18.23 14.94 -11.87
C ASN A 497 17.36 16.11 -12.30
N LEU A 498 16.25 15.80 -12.95
CA LEU A 498 15.26 16.81 -13.31
C LEU A 498 14.91 17.70 -12.09
N ILE A 499 14.79 17.08 -10.93
CA ILE A 499 14.51 17.83 -9.72
C ILE A 499 15.69 18.60 -9.16
N GLU A 500 16.85 17.94 -8.99
CA GLU A 500 17.89 18.50 -8.10
C GLU A 500 19.22 18.91 -8.73
N ALA A 501 19.43 18.60 -10.00
CA ALA A 501 20.69 18.90 -10.68
C ALA A 501 20.64 20.34 -11.17
N LYS A 502 21.79 20.85 -11.56
CA LYS A 502 21.90 22.19 -12.08
C LYS A 502 20.97 22.29 -13.27
N MET A 503 20.31 23.45 -13.44
CA MET A 503 19.26 23.64 -14.45
C MET A 503 18.00 22.79 -14.21
N GLY A 504 17.95 22.05 -13.10
CA GLY A 504 16.74 21.35 -12.74
C GLY A 504 15.67 22.27 -12.12
N VAL A 505 14.58 21.69 -11.68
CA VAL A 505 13.44 22.48 -11.18
C VAL A 505 13.84 23.33 -9.99
N LEU A 506 14.48 22.73 -9.00
CA LEU A 506 14.85 23.47 -7.81
C LEU A 506 15.93 24.52 -8.05
N ASP A 507 16.87 24.20 -8.92
CA ASP A 507 17.96 25.10 -9.24
C ASP A 507 17.44 26.33 -9.95
N LEU A 508 16.61 26.11 -10.96
CA LEU A 508 15.91 27.20 -11.63
C LEU A 508 15.06 28.04 -10.68
N LEU A 509 14.47 27.40 -9.67
CA LEU A 509 13.68 28.10 -8.70
C LEU A 509 14.57 29.00 -7.88
N ASP A 510 15.72 28.49 -7.44
CA ASP A 510 16.68 29.33 -6.77
C ASP A 510 17.10 30.51 -7.63
N GLU A 511 17.31 30.26 -8.91
CA GLU A 511 17.85 31.28 -9.78
C GLU A 511 16.80 32.38 -9.94
N GLU A 512 15.56 31.97 -10.13
CA GLU A 512 14.49 32.93 -10.29
C GLU A 512 14.25 33.79 -9.05
N CYS A 513 14.48 33.19 -7.87
CA CYS A 513 14.32 33.86 -6.57
C CYS A 513 15.33 34.95 -6.34
N LYS A 514 16.52 34.88 -6.93
CA LYS A 514 17.52 35.91 -6.69
C LYS A 514 17.49 37.01 -7.76
N MET A 515 16.57 36.91 -8.72
CA MET A 515 16.34 37.97 -9.69
C MET A 515 15.26 38.91 -9.16
N PRO A 516 15.56 40.21 -9.10
CA PRO A 516 14.64 41.15 -8.44
C PRO A 516 13.28 41.24 -9.12
N LYS A 517 13.20 40.99 -10.43
CA LYS A 517 11.92 40.98 -11.12
C LYS A 517 11.36 39.57 -11.32
N GLY A 518 12.01 38.57 -10.74
CA GLY A 518 11.54 37.19 -10.84
C GLY A 518 10.11 37.01 -10.40
N SER A 519 9.41 36.06 -11.02
CA SER A 519 8.08 35.66 -10.60
C SER A 519 7.83 34.18 -10.88
N ASP A 520 6.72 33.69 -10.35
CA ASP A 520 6.28 32.33 -10.63
C ASP A 520 6.07 32.10 -12.10
N ASP A 521 5.60 33.12 -12.80
CA ASP A 521 5.27 33.00 -14.20
C ASP A 521 6.52 32.92 -15.06
N THR A 522 7.53 33.72 -14.76
CA THR A 522 8.78 33.60 -15.50
C THR A 522 9.52 32.28 -15.17
N TRP A 523 9.41 31.82 -13.94
CA TRP A 523 9.98 30.53 -13.54
C TRP A 523 9.32 29.40 -14.30
N ALA A 524 8.00 29.43 -14.39
CA ALA A 524 7.28 28.48 -15.18
C ALA A 524 7.87 28.43 -16.58
N GLN A 525 8.05 29.58 -17.21
CA GLN A 525 8.52 29.59 -18.59
C GLN A 525 9.96 29.10 -18.67
N LYS A 526 10.78 29.43 -17.68
CA LYS A 526 12.14 28.90 -17.67
C LYS A 526 12.14 27.40 -17.59
N LEU A 527 11.20 26.83 -16.83
CA LEU A 527 11.02 25.39 -16.77
C LEU A 527 10.66 24.83 -18.13
N TYR A 528 9.72 25.45 -18.82
CA TYR A 528 9.34 24.96 -20.15
C TYR A 528 10.50 25.08 -21.15
N ASN A 529 11.19 26.21 -21.13
CA ASN A 529 12.30 26.47 -22.01
C ASN A 529 13.42 25.46 -21.82
N THR A 530 13.61 25.02 -20.58
CA THR A 530 14.72 24.18 -20.23
C THR A 530 14.40 22.71 -20.41
N HIS A 531 13.15 22.31 -20.13
CA HIS A 531 12.80 20.91 -19.95
C HIS A 531 11.76 20.34 -20.86
N LEU A 532 10.87 21.18 -21.37
CA LEU A 532 9.77 20.68 -22.18
C LEU A 532 10.33 20.22 -23.53
N ASN A 533 9.93 19.01 -23.93
CA ASN A 533 10.46 18.30 -25.09
C ASN A 533 11.95 17.91 -25.01
N LYS A 534 12.64 18.23 -23.91
CA LYS A 534 14.04 17.81 -23.71
C LYS A 534 14.17 16.66 -22.71
N CYS A 535 13.17 16.53 -21.85
CA CYS A 535 13.10 15.52 -20.78
C CYS A 535 11.68 14.95 -20.77
N ALA A 536 11.53 13.67 -21.11
CA ALA A 536 10.21 13.01 -21.20
C ALA A 536 9.48 12.90 -19.87
N LEU A 537 10.19 13.14 -18.77
CA LEU A 537 9.61 13.09 -17.43
C LEU A 537 8.94 14.41 -17.05
N PHE A 538 9.08 15.42 -17.91
CA PHE A 538 8.56 16.75 -17.62
C PHE A 538 7.51 17.05 -18.64
N GLU A 539 6.33 17.46 -18.21
CA GLU A 539 5.26 17.88 -19.13
C GLU A 539 4.62 19.16 -18.69
N LYS A 540 3.90 19.77 -19.62
CA LYS A 540 3.20 21.00 -19.35
C LYS A 540 1.75 20.69 -19.65
N PRO A 541 0.84 21.09 -18.78
CA PRO A 541 -0.60 21.01 -19.09
C PRO A 541 -0.94 21.84 -20.32
N ARG A 542 -1.82 21.32 -21.19
CA ARG A 542 -2.23 22.03 -22.41
C ARG A 542 -2.79 23.44 -22.16
N LEU A 543 -3.65 23.61 -21.16
CA LEU A 543 -4.33 24.90 -20.94
C LEU A 543 -3.77 25.76 -19.80
N SER A 544 -2.51 25.54 -19.44
CA SER A 544 -1.88 26.34 -18.41
C SER A 544 -0.43 26.61 -18.71
N ASN A 545 0.00 27.82 -18.44
CA ASN A 545 1.42 28.17 -18.42
C ASN A 545 1.84 28.50 -16.99
N LYS A 546 1.10 28.00 -16.00
CA LYS A 546 1.44 28.23 -14.60
C LYS A 546 1.50 26.92 -13.80
N ALA A 547 1.78 25.83 -14.51
CA ALA A 547 1.88 24.51 -13.91
C ALA A 547 2.79 23.58 -14.69
N PHE A 548 3.32 22.60 -13.99
CA PHE A 548 4.12 21.61 -14.65
C PHE A 548 3.78 20.27 -14.09
N ILE A 549 4.21 19.23 -14.80
CA ILE A 549 3.91 17.87 -14.49
C ILE A 549 5.24 17.09 -14.46
N ILE A 550 5.48 16.39 -13.36
CA ILE A 550 6.62 15.49 -13.27
C ILE A 550 6.09 14.05 -13.29
N LYS A 551 6.63 13.20 -14.15
CA LYS A 551 6.44 11.76 -14.02
C LYS A 551 7.38 11.25 -12.94
N HIS A 552 6.82 11.11 -11.74
CA HIS A 552 7.48 10.53 -10.60
C HIS A 552 7.39 9.00 -10.63
N PHE A 553 8.01 8.35 -9.65
CA PHE A 553 8.08 6.89 -9.62
C PHE A 553 6.69 6.21 -9.74
N ALA A 554 5.76 6.65 -8.89
CA ALA A 554 4.42 6.06 -8.74
C ALA A 554 3.38 6.62 -9.69
N ASP A 555 3.57 7.83 -10.18
CA ASP A 555 2.53 8.51 -10.97
C ASP A 555 2.98 9.91 -11.42
N LYS A 556 2.28 10.45 -12.39
CA LYS A 556 2.41 11.85 -12.75
C LYS A 556 1.78 12.73 -11.70
N VAL A 557 2.48 13.82 -11.39
CA VAL A 557 1.99 14.80 -10.47
C VAL A 557 2.11 16.18 -11.11
N GLU A 558 1.03 16.94 -10.99
CA GLU A 558 0.96 18.28 -11.51
C GLU A 558 1.14 19.24 -10.38
N TYR A 559 2.08 20.16 -10.54
CA TYR A 559 2.31 21.19 -9.55
C TYR A 559 1.85 22.53 -10.10
N GLN A 560 1.24 23.36 -9.25
CA GLN A 560 0.92 24.73 -9.60
C GLN A 560 2.10 25.56 -9.19
N CYS A 561 2.57 26.41 -10.10
CA CYS A 561 3.73 27.28 -9.82
C CYS A 561 3.51 28.36 -8.79
N GLU A 562 2.26 28.80 -8.62
CA GLU A 562 1.95 29.85 -7.66
C GLU A 562 2.48 29.61 -6.24
N GLY A 563 3.22 30.58 -5.75
CA GLY A 563 3.73 30.51 -4.40
C GLY A 563 5.09 29.82 -4.30
N PHE A 564 5.60 29.26 -5.38
CA PHE A 564 6.87 28.49 -5.27
C PHE A 564 7.98 29.45 -4.95
N LEU A 565 8.00 30.62 -5.59
CA LEU A 565 9.09 31.56 -5.37
C LEU A 565 9.18 32.05 -3.94
N GLU A 566 8.06 32.50 -3.40
CA GLU A 566 8.02 33.09 -2.06
C GLU A 566 8.30 32.00 -1.02
N LYS A 567 7.76 30.82 -1.22
CA LYS A 567 8.03 29.68 -0.30
C LYS A 567 9.48 29.26 -0.31
N ASN A 568 10.13 29.45 -1.43
CA ASN A 568 11.53 29.13 -1.59
C ASN A 568 12.45 30.16 -0.95
N LYS A 569 12.06 31.42 -0.95
CA LYS A 569 12.91 32.48 -0.38
C LYS A 569 13.14 32.25 1.09
N ASP A 570 14.37 32.47 1.55
CA ASP A 570 14.67 32.19 2.96
C ASP A 570 15.93 32.88 3.41
N THR A 571 16.16 34.09 2.92
CA THR A 571 17.35 34.83 3.28
C THR A 571 17.14 35.51 4.60
N VAL A 572 17.85 35.05 5.61
CA VAL A 572 17.74 35.65 6.93
C VAL A 572 18.76 36.78 7.00
N TYR A 573 18.39 37.91 7.60
CA TYR A 573 19.26 39.10 7.64
C TYR A 573 20.09 39.02 8.89
N GLU A 574 21.40 39.09 8.72
CA GLU A 574 22.33 38.82 9.80
C GLU A 574 22.16 39.75 11.00
N GLU A 575 21.72 40.98 10.76
CA GLU A 575 21.67 42.00 11.80
C GLU A 575 20.45 41.77 12.69
N GLN A 576 19.41 41.18 12.10
CA GLN A 576 18.21 40.85 12.86
C GLN A 576 18.55 39.77 13.85
N ILE A 577 19.28 38.78 13.38
CA ILE A 577 19.76 37.70 14.23
C ILE A 577 20.70 38.20 15.33
N LYS A 578 21.56 39.17 15.01
CA LYS A 578 22.51 39.68 16.00
C LYS A 578 21.73 40.35 17.13
N VAL A 579 20.68 41.08 16.80
CA VAL A 579 19.82 41.70 17.80
C VAL A 579 19.22 40.65 18.76
N LEU A 580 18.76 39.52 18.22
CA LEU A 580 18.19 38.46 19.04
C LEU A 580 19.29 37.82 19.87
N LYS A 581 20.46 37.67 19.25
CA LYS A 581 21.60 37.04 19.90
C LYS A 581 22.10 37.87 21.09
N SER A 582 21.78 39.17 21.10
CA SER A 582 22.18 40.09 22.16
C SER A 582 21.20 40.22 23.35
N SER A 583 20.26 39.29 23.50
CA SER A 583 19.16 39.50 24.48
C SER A 583 19.60 39.22 25.91
N LYS A 584 19.09 40.03 26.84
CA LYS A 584 19.37 39.88 28.27
C LYS A 584 18.06 39.80 29.07
N LYS A 585 17.18 38.89 28.68
CA LYS A 585 15.99 38.59 29.49
C LYS A 585 15.88 37.11 29.80
N PHE A 586 16.35 36.26 28.89
CA PHE A 586 16.32 34.81 29.07
C PHE A 586 17.38 34.04 28.24
N LYS A 587 17.90 32.98 28.85
CA LYS A 587 19.06 32.24 28.34
C LYS A 587 18.76 31.40 27.09
N LEU A 588 17.49 31.09 26.87
CA LEU A 588 17.13 30.21 25.75
C LEU A 588 17.37 30.87 24.39
N LEU A 589 16.97 32.13 24.22
CA LEU A 589 17.03 32.76 22.90
C LEU A 589 18.42 32.76 22.22
N PRO A 590 19.47 33.20 22.91
CA PRO A 590 20.82 33.12 22.33
C PRO A 590 21.29 31.68 22.17
N GLU A 591 20.80 30.80 23.03
CA GLU A 591 21.06 29.36 22.91
C GLU A 591 20.64 28.77 21.54
N LEU A 592 19.62 29.35 20.91
CA LEU A 592 19.14 28.88 19.60
C LEU A 592 20.14 29.12 18.49
N PHE A 593 20.91 30.19 18.64
CA PHE A 593 21.88 30.61 17.63
C PHE A 593 23.31 30.51 18.14
N HIS A 632 24.99 34.20 -2.07
CA HIS A 632 24.60 32.90 -2.60
C HIS A 632 23.11 32.68 -2.35
N LYS A 633 22.54 33.49 -1.47
CA LYS A 633 21.15 33.34 -0.99
C LYS A 633 20.77 31.91 -0.52
N LYS A 634 20.27 31.85 0.70
CA LYS A 634 19.77 30.64 1.32
C LYS A 634 18.31 30.45 0.91
N THR A 635 17.97 29.24 0.46
CA THR A 635 16.59 28.92 0.06
C THR A 635 16.05 27.68 0.74
N VAL A 636 14.73 27.61 0.89
CA VAL A 636 14.09 26.44 1.49
C VAL A 636 14.38 25.20 0.67
N GLY A 637 14.29 25.32 -0.65
CA GLY A 637 14.47 24.20 -1.55
C GLY A 637 15.88 23.62 -1.47
N HIS A 638 16.86 24.52 -1.39
CA HIS A 638 18.23 24.08 -1.27
C HIS A 638 18.47 23.45 0.12
N GLN A 639 17.86 24.00 1.16
CA GLN A 639 18.01 23.47 2.50
C GLN A 639 17.34 22.10 2.57
N PHE A 640 16.25 21.95 1.83
CA PHE A 640 15.58 20.67 1.76
C PHE A 640 16.47 19.65 1.08
N ARG A 641 17.01 20.05 -0.05
CA ARG A 641 17.98 19.28 -0.78
C ARG A 641 19.11 18.85 0.16
N ASN A 642 19.69 19.77 0.93
CA ASN A 642 20.81 19.41 1.82
C ASN A 642 20.35 18.44 2.91
N SER A 643 19.21 18.71 3.52
CA SER A 643 18.67 17.84 4.54
C SER A 643 18.43 16.42 4.00
N LEU A 644 17.91 16.33 2.79
CA LEU A 644 17.60 15.08 2.18
C LEU A 644 18.89 14.33 1.85
N HIS A 645 19.90 15.07 1.43
CA HIS A 645 21.21 14.45 1.19
C HIS A 645 21.77 13.93 2.50
N LEU A 646 21.65 14.70 3.56
CA LEU A 646 22.01 14.23 4.90
C LEU A 646 21.24 12.99 5.32
N LEU A 647 19.94 12.92 5.02
CA LEU A 647 19.13 11.77 5.40
C LEU A 647 19.60 10.54 4.62
N MET A 648 19.87 10.72 3.33
CA MET A 648 20.27 9.59 2.52
C MET A 648 21.66 9.06 2.93
N GLU A 649 22.58 9.92 3.36
CA GLU A 649 23.89 9.44 3.86
C GLU A 649 23.68 8.60 5.11
N THR A 650 22.86 9.09 6.03
CA THR A 650 22.47 8.36 7.22
C THR A 650 21.86 6.99 6.92
N LEU A 651 21.03 6.91 5.88
CA LEU A 651 20.31 5.65 5.58
C LEU A 651 21.17 4.72 4.74
N ASN A 652 21.96 5.30 3.85
CA ASN A 652 22.81 4.53 2.95
C ASN A 652 23.99 3.86 3.68
N ALA A 653 24.32 4.35 4.87
CA ALA A 653 25.34 3.75 5.73
C ALA A 653 24.71 2.67 6.62
N THR A 654 23.45 2.29 6.34
CA THR A 654 22.76 1.16 6.99
C THR A 654 22.18 0.21 5.98
N THR A 655 21.64 -0.88 6.47
CA THR A 655 20.93 -1.84 5.68
C THR A 655 19.46 -1.50 5.91
N PRO A 656 18.72 -1.17 4.86
CA PRO A 656 17.33 -0.79 5.06
C PRO A 656 16.34 -1.97 5.10
N HIS A 657 15.29 -1.80 5.89
CA HIS A 657 14.12 -2.68 5.94
C HIS A 657 12.87 -1.79 5.74
N TYR A 658 11.88 -2.28 5.03
CA TYR A 658 10.80 -1.43 4.56
C TYR A 658 9.45 -1.95 5.04
N VAL A 659 8.74 -1.04 5.72
CA VAL A 659 7.37 -1.19 6.14
C VAL A 659 6.54 -0.06 5.44
N ARG A 660 5.50 -0.46 4.71
CA ARG A 660 4.56 0.52 4.13
C ARG A 660 3.25 0.43 4.86
N CYS A 661 2.86 1.51 5.53
CA CYS A 661 1.64 1.54 6.27
C CYS A 661 0.55 2.17 5.40
N ILE A 662 -0.59 1.50 5.29
CA ILE A 662 -1.72 2.05 4.54
C ILE A 662 -2.97 2.19 5.37
N LYS A 663 -3.64 3.30 5.13
CA LYS A 663 -4.94 3.61 5.74
C LYS A 663 -5.94 2.94 4.81
N PRO A 664 -6.75 2.01 5.28
CA PRO A 664 -7.71 1.31 4.39
C PRO A 664 -9.09 2.02 4.21
N ASN A 665 -9.33 3.06 4.97
CA ASN A 665 -10.57 3.81 4.89
C ASN A 665 -10.39 5.16 5.55
N ASP A 666 -11.27 6.11 5.24
CA ASP A 666 -11.08 7.47 5.71
C ASP A 666 -11.79 7.80 6.98
N PHE A 667 -12.39 6.83 7.66
CA PHE A 667 -13.27 7.18 8.75
C PHE A 667 -12.92 6.50 10.06
N LYS A 668 -11.71 5.98 10.14
CA LYS A 668 -11.22 5.21 11.30
C LYS A 668 -12.05 3.97 11.61
N PHE A 669 -12.66 3.40 10.58
CA PHE A 669 -13.47 2.19 10.76
C PHE A 669 -12.64 0.96 11.05
N PRO A 670 -12.98 0.21 12.12
CA PRO A 670 -12.37 -1.09 12.35
C PRO A 670 -12.56 -2.02 11.15
N PHE A 671 -11.49 -2.76 10.82
CA PHE A 671 -11.35 -3.67 9.68
C PHE A 671 -12.32 -3.38 8.55
N THR A 672 -12.10 -2.25 7.90
CA THR A 672 -12.94 -1.80 6.80
C THR A 672 -12.03 -1.39 5.65
N PHE A 673 -12.19 -2.05 4.52
CA PHE A 673 -11.30 -1.90 3.40
C PHE A 673 -12.05 -1.17 2.32
N ASP A 674 -11.77 0.11 2.17
CA ASP A 674 -12.29 0.87 1.02
C ASP A 674 -11.31 0.79 -0.17
N GLU A 675 -11.76 0.22 -1.28
CA GLU A 675 -10.91 -0.11 -2.40
C GLU A 675 -10.35 1.15 -3.04
N LYS A 676 -11.13 2.21 -3.10
CA LYS A 676 -10.64 3.42 -3.69
C LYS A 676 -9.51 4.01 -2.83
N ARG A 677 -9.69 4.04 -1.52
CA ARG A 677 -8.68 4.56 -0.65
C ARG A 677 -7.44 3.65 -0.66
N ALA A 678 -7.64 2.36 -0.55
CA ALA A 678 -6.56 1.39 -0.55
C ALA A 678 -5.71 1.51 -1.82
N VAL A 679 -6.33 1.58 -2.99
CA VAL A 679 -5.59 1.70 -4.24
C VAL A 679 -4.74 2.98 -4.25
N GLN A 680 -5.31 4.09 -3.80
CA GLN A 680 -4.56 5.34 -3.69
C GLN A 680 -3.35 5.21 -2.74
N GLN A 681 -3.55 4.64 -1.56
CA GLN A 681 -2.49 4.42 -0.58
C GLN A 681 -1.32 3.51 -1.05
N LEU A 682 -1.67 2.44 -1.75
CA LEU A 682 -0.73 1.45 -2.24
C LEU A 682 0.16 2.08 -3.32
N ARG A 683 -0.46 2.89 -4.14
CA ARG A 683 0.26 3.68 -5.11
C ARG A 683 1.19 4.73 -4.45
N ALA A 684 0.68 5.49 -3.50
CA ALA A 684 1.46 6.55 -2.89
C ALA A 684 2.68 6.00 -2.15
N CYS A 685 2.59 4.76 -1.68
CA CYS A 685 3.64 4.17 -0.90
C CYS A 685 4.63 3.44 -1.78
N GLY A 686 4.47 3.52 -3.10
CA GLY A 686 5.33 2.83 -4.05
C GLY A 686 5.01 1.37 -4.38
N VAL A 687 4.12 0.73 -3.64
CA VAL A 687 3.84 -0.69 -3.81
C VAL A 687 3.44 -1.12 -5.24
N LEU A 688 2.55 -0.38 -5.89
CA LEU A 688 2.03 -0.82 -7.19
C LEU A 688 3.11 -0.74 -8.25
N GLU A 689 4.04 0.20 -8.14
CA GLU A 689 5.11 0.25 -9.14
C GLU A 689 6.18 -0.79 -8.82
N THR A 690 6.43 -1.03 -7.55
CA THR A 690 7.31 -2.11 -7.13
C THR A 690 6.79 -3.46 -7.60
N ILE A 691 5.47 -3.64 -7.58
CA ILE A 691 4.88 -4.86 -8.09
C ILE A 691 5.07 -4.94 -9.57
N ARG A 692 4.83 -3.84 -10.27
CA ARG A 692 5.00 -3.83 -11.73
C ARG A 692 6.44 -4.16 -12.13
N ILE A 693 7.42 -3.73 -11.35
CA ILE A 693 8.80 -4.04 -11.66
C ILE A 693 9.05 -5.56 -11.42
N SER A 694 8.55 -6.07 -10.31
CA SER A 694 8.65 -7.48 -9.97
C SER A 694 7.97 -8.34 -11.04
N ALA A 695 6.84 -7.87 -11.59
CA ALA A 695 6.06 -8.62 -12.58
C ALA A 695 6.74 -8.68 -13.94
N ALA A 696 7.75 -7.82 -14.14
CA ALA A 696 8.52 -7.82 -15.39
C ALA A 696 9.59 -8.91 -15.42
N GLY A 697 10.00 -9.43 -14.26
CA GLY A 697 11.10 -10.39 -14.20
C GLY A 697 10.59 -11.82 -14.11
N PHE A 698 11.05 -12.54 -13.09
CA PHE A 698 10.60 -13.91 -12.84
C PHE A 698 10.09 -13.94 -11.42
N PRO A 699 8.90 -13.38 -11.18
CA PRO A 699 8.40 -13.23 -9.82
C PRO A 699 8.02 -14.55 -9.16
N SER A 700 7.53 -15.53 -9.90
CA SER A 700 7.09 -16.79 -9.29
C SER A 700 8.29 -17.70 -9.07
N ARG A 701 8.39 -18.30 -7.88
CA ARG A 701 9.59 -19.00 -7.43
C ARG A 701 9.18 -20.21 -6.60
N TRP A 702 9.17 -21.37 -7.25
CA TRP A 702 8.69 -22.60 -6.62
C TRP A 702 9.84 -23.60 -6.47
N THR A 703 9.91 -24.30 -5.35
CA THR A 703 10.88 -25.41 -5.22
C THR A 703 10.44 -26.55 -6.14
N TYR A 704 11.37 -27.38 -6.54
CA TYR A 704 11.07 -28.53 -7.38
C TYR A 704 10.05 -29.43 -6.68
N GLN A 705 10.13 -29.55 -5.37
CA GLN A 705 9.19 -30.39 -4.63
C GLN A 705 7.76 -29.82 -4.63
N GLU A 706 7.64 -28.49 -4.50
CA GLU A 706 6.35 -27.84 -4.59
C GLU A 706 5.79 -28.07 -5.98
N PHE A 707 6.62 -27.92 -7.01
CA PHE A 707 6.17 -28.07 -8.39
C PHE A 707 5.76 -29.52 -8.65
N PHE A 708 6.61 -30.46 -8.23
CA PHE A 708 6.29 -31.87 -8.34
C PHE A 708 4.97 -32.18 -7.68
N SER A 709 4.80 -31.72 -6.45
CA SER A 709 3.61 -32.05 -5.66
C SER A 709 2.35 -31.52 -6.32
N ARG A 710 2.39 -30.26 -6.72
CA ARG A 710 1.21 -29.62 -7.28
C ARG A 710 0.83 -30.15 -8.66
N TYR A 711 1.82 -30.44 -9.51
CA TYR A 711 1.59 -30.75 -10.91
C TYR A 711 1.81 -32.23 -11.28
N ARG A 712 1.95 -33.09 -10.28
CA ARG A 712 1.95 -34.55 -10.47
C ARG A 712 0.78 -34.99 -11.33
N VAL A 713 -0.43 -34.52 -11.02
CA VAL A 713 -1.62 -34.88 -11.78
C VAL A 713 -1.53 -34.57 -13.29
N LEU A 714 -0.65 -33.63 -13.66
CA LEU A 714 -0.36 -33.31 -15.05
C LEU A 714 0.64 -34.26 -15.73
N MET A 715 1.23 -35.18 -14.97
CA MET A 715 2.32 -35.99 -15.49
C MET A 715 1.81 -37.37 -15.93
N LYS A 716 2.35 -37.86 -17.03
CA LYS A 716 2.16 -39.25 -17.44
C LYS A 716 3.03 -40.09 -16.53
N GLN A 717 2.59 -41.31 -16.22
CA GLN A 717 3.38 -42.24 -15.42
C GLN A 717 4.77 -42.42 -16.02
N LYS A 718 4.85 -42.47 -17.35
CA LYS A 718 6.12 -42.63 -18.08
C LYS A 718 7.23 -41.70 -17.60
N ASP A 719 6.95 -40.42 -17.43
CA ASP A 719 8.04 -39.47 -17.16
C ASP A 719 8.23 -39.11 -15.69
N VAL A 720 7.54 -39.81 -14.79
CA VAL A 720 7.76 -39.64 -13.36
C VAL A 720 9.02 -40.40 -12.97
N LEU A 721 10.14 -39.68 -12.96
CA LEU A 721 11.42 -40.26 -12.59
C LEU A 721 11.70 -40.18 -11.10
N SER A 722 12.69 -40.98 -10.69
CA SER A 722 13.21 -40.96 -9.34
C SER A 722 13.82 -39.59 -9.02
N ASP A 723 14.55 -39.03 -10.00
CA ASP A 723 15.04 -37.65 -9.92
C ASP A 723 13.83 -36.73 -10.08
N ARG A 724 13.30 -36.27 -8.95
CA ARG A 724 12.09 -35.46 -8.97
C ARG A 724 12.34 -34.10 -9.64
N LYS A 725 13.53 -33.56 -9.45
CA LYS A 725 13.97 -32.33 -10.09
C LYS A 725 13.98 -32.47 -11.61
N GLN A 726 14.61 -33.54 -12.12
CA GLN A 726 14.70 -33.78 -13.55
C GLN A 726 13.32 -33.99 -14.15
N THR A 727 12.44 -34.62 -13.37
CA THR A 727 11.06 -34.82 -13.77
C THR A 727 10.39 -33.46 -13.99
N CYS A 728 10.49 -32.58 -13.01
CA CYS A 728 9.94 -31.23 -13.16
C CYS A 728 10.43 -30.60 -14.44
N LYS A 729 11.74 -30.67 -14.68
CA LYS A 729 12.35 -30.05 -15.85
C LYS A 729 11.79 -30.61 -17.15
N ASN A 730 11.63 -31.93 -17.21
CA ASN A 730 11.17 -32.59 -18.46
C ASN A 730 9.69 -32.28 -18.69
N VAL A 731 8.91 -32.35 -17.61
CA VAL A 731 7.49 -32.11 -17.66
C VAL A 731 7.20 -30.63 -17.98
N LEU A 732 7.93 -29.71 -17.38
CA LEU A 732 7.67 -28.28 -17.60
C LEU A 732 7.92 -27.90 -19.04
N GLU A 733 9.01 -28.42 -19.60
CA GLU A 733 9.40 -28.14 -20.97
C GLU A 733 8.41 -28.69 -21.98
N LYS A 734 7.62 -29.70 -21.60
CA LYS A 734 6.50 -30.15 -22.44
C LYS A 734 5.17 -29.42 -22.16
N LEU A 735 4.99 -28.89 -20.95
CA LEU A 735 3.76 -28.15 -20.63
C LEU A 735 3.80 -26.73 -21.15
N ILE A 736 4.95 -26.08 -21.01
CA ILE A 736 5.14 -24.74 -21.52
C ILE A 736 6.32 -24.75 -22.48
N LEU A 737 6.00 -24.62 -23.75
CA LEU A 737 6.96 -24.79 -24.85
C LEU A 737 8.06 -23.75 -24.86
N ASP A 738 7.69 -22.50 -24.70
CA ASP A 738 8.64 -21.40 -24.76
C ASP A 738 9.55 -21.41 -23.51
N LYS A 739 10.80 -21.81 -23.69
CA LYS A 739 11.76 -21.93 -22.58
C LYS A 739 12.21 -20.57 -22.01
N ASP A 740 11.90 -19.48 -22.69
CA ASP A 740 12.10 -18.15 -22.13
C ASP A 740 11.13 -17.80 -20.97
N LYS A 741 10.11 -18.62 -20.74
CA LYS A 741 9.07 -18.34 -19.74
C LYS A 741 9.46 -18.78 -18.31
N TYR A 742 10.61 -19.42 -18.17
CA TYR A 742 11.05 -19.93 -16.89
C TYR A 742 12.52 -20.23 -16.92
N GLN A 743 13.08 -20.35 -15.73
CA GLN A 743 14.47 -20.61 -15.56
C GLN A 743 14.61 -21.64 -14.44
N PHE A 744 15.43 -22.65 -14.72
CA PHE A 744 15.71 -23.70 -13.79
C PHE A 744 16.89 -23.33 -12.92
N GLY A 745 16.59 -23.08 -11.65
CA GLY A 745 17.61 -22.88 -10.66
C GLY A 745 17.99 -24.18 -9.98
N LYS A 746 18.94 -24.06 -9.06
CA LYS A 746 19.43 -25.18 -8.28
C LYS A 746 18.36 -25.84 -7.41
N THR A 747 17.57 -25.04 -6.68
CA THR A 747 16.49 -25.56 -5.84
C THR A 747 15.10 -25.10 -6.28
N LYS A 748 15.02 -24.16 -7.21
CA LYS A 748 13.74 -23.53 -7.53
C LYS A 748 13.58 -23.28 -9.01
N ILE A 749 12.34 -23.37 -9.49
CA ILE A 749 11.99 -22.90 -10.82
C ILE A 749 11.53 -21.43 -10.69
N PHE A 750 12.09 -20.56 -11.53
CA PHE A 750 11.71 -19.16 -11.56
C PHE A 750 10.80 -19.05 -12.77
N PHE A 751 9.63 -18.48 -12.62
CA PHE A 751 8.70 -18.30 -13.74
C PHE A 751 8.40 -16.80 -13.99
N ARG A 752 8.29 -16.44 -15.25
CA ARG A 752 7.65 -15.20 -15.63
C ARG A 752 6.26 -15.16 -15.05
N ALA A 753 5.67 -13.96 -15.07
CA ALA A 753 4.28 -13.74 -14.69
C ALA A 753 3.38 -14.54 -15.61
N GLY A 754 2.29 -15.07 -15.07
CA GLY A 754 1.30 -15.74 -15.87
C GLY A 754 1.50 -17.24 -16.04
N GLN A 755 2.70 -17.74 -15.76
CA GLN A 755 3.06 -19.13 -16.07
C GLN A 755 2.46 -20.08 -15.09
N VAL A 756 2.56 -19.75 -13.80
CA VAL A 756 1.96 -20.58 -12.76
C VAL A 756 0.47 -20.57 -12.94
N ALA A 757 -0.09 -19.41 -13.27
CA ALA A 757 -1.53 -19.29 -13.53
C ALA A 757 -1.90 -20.23 -14.68
N TYR A 758 -1.11 -20.24 -15.74
CA TYR A 758 -1.36 -21.14 -16.87
C TYR A 758 -1.33 -22.63 -16.46
N LEU A 759 -0.33 -23.04 -15.69
CA LEU A 759 -0.28 -24.41 -15.18
C LEU A 759 -1.55 -24.74 -14.38
N GLU A 760 -2.03 -23.78 -13.58
CA GLU A 760 -3.22 -24.01 -12.79
C GLU A 760 -4.44 -24.15 -13.65
N LYS A 761 -4.43 -23.50 -14.80
CA LYS A 761 -5.55 -23.59 -15.73
C LYS A 761 -5.62 -24.95 -16.39
N ILE A 762 -4.51 -25.50 -16.88
CA ILE A 762 -4.56 -26.83 -17.48
C ILE A 762 -4.85 -27.85 -16.40
N ARG A 763 -4.31 -27.65 -15.20
CA ARG A 763 -4.58 -28.58 -14.11
C ARG A 763 -6.03 -28.55 -13.79
N ALA A 764 -6.55 -27.33 -13.58
CA ALA A 764 -7.97 -27.12 -13.36
C ALA A 764 -8.84 -27.73 -14.48
N ASP A 765 -8.40 -27.61 -15.73
CA ASP A 765 -9.16 -28.14 -16.88
C ASP A 765 -9.21 -29.67 -16.79
N LYS A 766 -8.08 -30.27 -16.46
CA LYS A 766 -7.98 -31.70 -16.29
C LYS A 766 -8.98 -32.18 -15.23
N LEU A 767 -8.98 -31.53 -14.07
CA LEU A 767 -9.86 -31.91 -12.97
C LEU A 767 -11.31 -31.67 -13.30
N ARG A 768 -11.59 -30.59 -14.01
CA ARG A 768 -12.96 -30.24 -14.36
C ARG A 768 -13.56 -31.33 -15.28
N ALA A 769 -12.76 -31.79 -16.25
CA ALA A 769 -13.21 -32.77 -17.25
C ALA A 769 -13.48 -34.12 -16.58
N ALA A 770 -12.50 -34.60 -15.81
CA ALA A 770 -12.65 -35.83 -15.04
C ALA A 770 -13.90 -35.80 -14.16
N CYS A 771 -14.07 -34.70 -13.42
CA CYS A 771 -15.20 -34.52 -12.53
C CYS A 771 -16.56 -34.57 -13.22
N ILE A 772 -16.69 -33.89 -14.34
CA ILE A 772 -17.97 -33.78 -15.04
C ILE A 772 -18.36 -35.17 -15.56
N ARG A 773 -17.35 -35.90 -16.00
CA ARG A 773 -17.58 -37.25 -16.49
C ARG A 773 -18.12 -38.09 -15.34
N ILE A 774 -17.48 -38.01 -14.18
CA ILE A 774 -17.92 -38.79 -13.05
C ILE A 774 -19.31 -38.37 -12.66
N GLN A 775 -19.54 -37.06 -12.57
CA GLN A 775 -20.76 -36.60 -11.94
C GLN A 775 -21.98 -36.81 -12.87
N LYS A 776 -21.78 -36.81 -14.20
CA LYS A 776 -22.86 -37.14 -15.15
C LYS A 776 -23.20 -38.65 -15.08
N THR A 777 -22.22 -39.47 -14.77
CA THR A 777 -22.45 -40.89 -14.57
C THR A 777 -23.26 -41.12 -13.29
N ILE A 778 -22.85 -40.40 -12.22
CA ILE A 778 -23.54 -40.49 -10.94
C ILE A 778 -24.97 -40.04 -11.12
N ARG A 779 -25.18 -38.99 -11.89
CA ARG A 779 -26.52 -38.45 -12.09
C ARG A 779 -27.39 -39.44 -12.85
N GLY A 780 -26.79 -40.11 -13.81
CA GLY A 780 -27.47 -41.18 -14.53
C GLY A 780 -27.88 -42.27 -13.57
N TRP A 781 -26.93 -42.76 -12.78
CA TRP A 781 -27.15 -43.86 -11.87
C TRP A 781 -28.26 -43.49 -10.90
N LEU A 782 -28.16 -42.33 -10.27
CA LEU A 782 -29.18 -41.89 -9.31
C LEU A 782 -30.56 -41.92 -9.93
N MET A 783 -30.69 -41.43 -11.17
CA MET A 783 -32.01 -41.35 -11.79
C MET A 783 -32.56 -42.71 -12.19
N ARG A 784 -31.68 -43.65 -12.51
CA ARG A 784 -32.10 -44.99 -12.86
C ARG A 784 -32.62 -45.67 -11.59
N LYS A 785 -31.96 -45.42 -10.47
CA LYS A 785 -32.41 -45.95 -9.18
C LYS A 785 -33.76 -45.36 -8.79
N LYS A 786 -33.92 -44.06 -8.92
CA LYS A 786 -35.18 -43.42 -8.60
C LYS A 786 -36.27 -43.99 -9.49
N TYR A 787 -35.94 -44.13 -10.76
CA TYR A 787 -36.86 -44.64 -11.74
C TYR A 787 -37.32 -46.06 -11.39
N MET A 788 -36.41 -46.93 -10.97
CA MET A 788 -36.78 -48.28 -10.53
C MET A 788 -37.71 -48.22 -9.33
N ARG A 789 -37.44 -47.28 -8.42
CA ARG A 789 -38.28 -47.07 -7.25
C ARG A 789 -39.67 -46.63 -7.67
N MET A 790 -39.77 -45.73 -8.66
CA MET A 790 -41.08 -45.20 -9.03
C MET A 790 -41.80 -46.24 -9.90
N ARG A 791 -41.03 -47.07 -10.58
CA ARG A 791 -41.57 -48.17 -11.39
C ARG A 791 -42.19 -49.25 -10.49
N ARG A 792 -41.55 -49.53 -9.35
CA ARG A 792 -42.02 -50.54 -8.40
C ARG A 792 -43.24 -50.08 -7.62
N GLY A 793 -43.48 -48.77 -7.58
CA GLY A 793 -44.61 -48.20 -6.88
C GLY A 793 -44.32 -47.61 -5.51
N ASP A 794 -43.07 -47.25 -5.24
CA ASP A 794 -42.68 -46.75 -3.90
C ASP A 794 -43.35 -45.42 -3.55
N ALA A 795 -43.80 -44.68 -4.57
N PHE B 4 -35.56 -44.67 -33.25
CA PHE B 4 -36.40 -45.48 -32.32
C PHE B 4 -37.63 -46.06 -33.01
N ASN B 5 -37.86 -47.35 -32.78
CA ASN B 5 -39.06 -48.02 -33.26
C ASN B 5 -40.24 -47.85 -32.31
N LYS B 6 -41.41 -48.29 -32.75
CA LYS B 6 -42.65 -48.15 -31.98
C LYS B 6 -42.58 -48.75 -30.57
N ASP B 7 -41.95 -49.92 -30.43
CA ASP B 7 -41.85 -50.55 -29.13
C ASP B 7 -41.03 -49.70 -28.14
N GLN B 8 -39.88 -49.20 -28.60
CA GLN B 8 -39.03 -48.34 -27.80
C GLN B 8 -39.80 -47.08 -27.43
N LEU B 9 -40.49 -46.49 -28.39
CA LEU B 9 -41.29 -45.28 -28.14
C LEU B 9 -42.37 -45.52 -27.11
N GLU B 10 -42.93 -46.73 -27.08
CA GLU B 10 -43.98 -47.08 -26.12
C GLU B 10 -43.35 -47.18 -24.74
N GLU B 11 -42.21 -47.82 -24.66
CA GLU B 11 -41.46 -47.99 -23.43
C GLU B 11 -40.98 -46.65 -22.88
N PHE B 12 -40.50 -45.78 -23.75
CA PHE B 12 -39.99 -44.48 -23.33
C PHE B 12 -41.15 -43.63 -22.88
N LYS B 13 -42.27 -43.76 -23.57
CA LYS B 13 -43.45 -42.98 -23.26
C LYS B 13 -44.00 -43.40 -21.89
N GLU B 14 -44.02 -44.70 -21.59
CA GLU B 14 -44.53 -45.18 -20.30
C GLU B 14 -43.70 -44.55 -19.17
N ALA B 15 -42.37 -44.58 -19.34
CA ALA B 15 -41.44 -44.00 -18.39
C ALA B 15 -41.65 -42.49 -18.22
N PHE B 16 -41.80 -41.79 -19.35
CA PHE B 16 -42.07 -40.35 -19.41
C PHE B 16 -43.34 -40.00 -18.61
N GLU B 17 -44.36 -40.82 -18.76
CA GLU B 17 -45.66 -40.61 -18.12
C GLU B 17 -45.60 -40.74 -16.61
N LEU B 18 -44.69 -41.57 -16.09
CA LEU B 18 -44.45 -41.66 -14.65
C LEU B 18 -43.96 -40.35 -14.04
N PHE B 19 -43.27 -39.53 -14.84
CA PHE B 19 -42.74 -38.24 -14.39
C PHE B 19 -43.73 -37.09 -14.49
N ASP B 20 -44.88 -37.36 -15.07
CA ASP B 20 -45.92 -36.35 -15.17
C ASP B 20 -46.61 -36.21 -13.80
N ARG B 21 -46.34 -35.10 -13.10
CA ARG B 21 -46.88 -34.83 -11.75
C ARG B 21 -48.14 -33.96 -11.76
N VAL B 22 -48.66 -33.69 -12.95
CA VAL B 22 -49.85 -32.83 -13.10
C VAL B 22 -51.02 -33.51 -13.84
N GLY B 23 -50.77 -34.64 -14.51
CA GLY B 23 -51.81 -35.36 -15.25
C GLY B 23 -52.13 -34.92 -16.67
N ASP B 24 -51.44 -33.90 -17.17
CA ASP B 24 -51.68 -33.39 -18.55
C ASP B 24 -50.85 -34.09 -19.65
N GLY B 25 -50.21 -35.20 -19.32
CA GLY B 25 -49.36 -35.92 -20.26
C GLY B 25 -48.04 -35.23 -20.54
N LYS B 26 -47.62 -34.36 -19.63
CA LYS B 26 -46.44 -33.52 -19.83
C LYS B 26 -45.50 -33.57 -18.65
N ILE B 27 -44.24 -33.21 -18.90
CA ILE B 27 -43.27 -32.95 -17.87
C ILE B 27 -42.81 -31.49 -17.97
N LEU B 28 -42.12 -31.03 -16.94
CA LEU B 28 -41.47 -29.73 -16.97
C LEU B 28 -40.18 -29.84 -17.76
N TYR B 29 -39.71 -28.71 -18.29
CA TYR B 29 -38.39 -28.61 -18.88
C TYR B 29 -37.34 -29.14 -17.91
N SER B 30 -37.49 -28.79 -16.64
CA SER B 30 -36.50 -29.15 -15.60
C SER B 30 -36.47 -30.65 -15.33
N GLN B 31 -37.53 -31.35 -15.72
CA GLN B 31 -37.58 -32.81 -15.62
C GLN B 31 -37.00 -33.54 -16.82
N CYS B 32 -36.79 -32.84 -17.92
CA CYS B 32 -36.34 -33.47 -19.16
C CYS B 32 -35.07 -34.26 -18.95
N GLY B 33 -34.08 -33.65 -18.28
CA GLY B 33 -32.84 -34.31 -17.97
C GLY B 33 -33.01 -35.60 -17.18
N ASP B 34 -33.90 -35.57 -16.18
CA ASP B 34 -34.18 -36.75 -15.35
C ASP B 34 -34.74 -37.91 -16.13
N VAL B 35 -35.64 -37.61 -17.08
CA VAL B 35 -36.25 -38.66 -17.92
C VAL B 35 -35.22 -39.28 -18.84
N MET B 36 -34.33 -38.47 -19.41
CA MET B 36 -33.28 -38.98 -20.29
C MET B 36 -32.39 -39.93 -19.54
N ARG B 37 -32.05 -39.56 -18.31
CA ARG B 37 -31.20 -40.36 -17.44
C ARG B 37 -31.87 -41.65 -17.00
N ALA B 38 -33.17 -41.55 -16.69
CA ALA B 38 -33.99 -42.70 -16.36
C ALA B 38 -34.10 -43.69 -17.52
N LEU B 39 -33.91 -43.21 -18.76
CA LEU B 39 -34.00 -44.05 -19.96
C LEU B 39 -32.61 -44.55 -20.39
N GLY B 40 -31.60 -44.34 -19.56
CA GLY B 40 -30.27 -44.87 -19.81
C GLY B 40 -29.23 -43.90 -20.34
N GLN B 41 -29.60 -42.65 -20.63
CA GLN B 41 -28.61 -41.66 -21.07
C GLN B 41 -27.88 -41.01 -19.89
N ASN B 42 -26.66 -40.53 -20.14
CA ASN B 42 -25.85 -39.82 -19.15
C ASN B 42 -25.36 -38.47 -19.68
N PRO B 43 -26.27 -37.56 -19.98
CA PRO B 43 -25.90 -36.27 -20.51
C PRO B 43 -25.44 -35.36 -19.37
N THR B 44 -24.53 -34.43 -19.63
CA THR B 44 -24.15 -33.45 -18.63
C THR B 44 -25.32 -32.49 -18.57
N ASN B 45 -25.41 -31.70 -17.51
CA ASN B 45 -26.45 -30.69 -17.42
C ASN B 45 -26.38 -29.71 -18.55
N ALA B 46 -25.16 -29.41 -18.99
CA ALA B 46 -24.95 -28.49 -20.09
C ALA B 46 -25.58 -29.04 -21.36
N GLU B 47 -25.35 -30.32 -21.63
CA GLU B 47 -25.94 -30.98 -22.79
C GLU B 47 -27.46 -30.96 -22.74
N VAL B 48 -28.04 -31.16 -21.56
CA VAL B 48 -29.48 -31.14 -21.41
C VAL B 48 -30.00 -29.74 -21.71
N LEU B 49 -29.34 -28.72 -21.19
CA LEU B 49 -29.78 -27.36 -21.44
C LEU B 49 -29.66 -27.00 -22.94
N LYS B 50 -28.65 -27.53 -23.61
CA LYS B 50 -28.46 -27.30 -25.05
C LYS B 50 -29.61 -27.85 -25.89
N VAL B 51 -30.00 -29.10 -25.65
CA VAL B 51 -31.15 -29.70 -26.36
C VAL B 51 -32.46 -29.02 -26.00
N LEU B 52 -32.53 -28.42 -24.82
CA LEU B 52 -33.69 -27.62 -24.41
C LEU B 52 -33.69 -26.23 -25.08
N GLY B 53 -32.57 -25.85 -25.67
CA GLY B 53 -32.42 -24.57 -26.35
C GLY B 53 -31.88 -23.49 -25.42
N ASN B 54 -31.09 -23.91 -24.43
CA ASN B 54 -30.57 -23.04 -23.37
C ASN B 54 -31.65 -22.09 -22.78
N PRO B 55 -32.65 -22.67 -22.12
CA PRO B 55 -33.78 -21.89 -21.58
C PRO B 55 -33.38 -20.95 -20.45
N LYS B 56 -34.17 -19.89 -20.29
CA LYS B 56 -34.00 -18.98 -19.15
C LYS B 56 -34.63 -19.61 -17.91
N SER B 57 -34.22 -19.13 -16.74
CA SER B 57 -34.72 -19.66 -15.46
C SER B 57 -36.24 -19.85 -15.49
N ASP B 58 -36.96 -18.88 -16.06
CA ASP B 58 -38.42 -18.84 -16.03
C ASP B 58 -39.07 -19.97 -16.83
N GLU B 59 -38.58 -20.20 -18.05
CA GLU B 59 -39.15 -21.26 -18.86
C GLU B 59 -38.69 -22.64 -18.40
N LEU B 60 -37.50 -22.71 -17.79
CA LEU B 60 -36.99 -23.95 -17.23
C LEU B 60 -37.89 -24.47 -16.09
N LYS B 61 -38.50 -23.54 -15.33
CA LYS B 61 -39.27 -23.89 -14.15
C LYS B 61 -40.75 -24.11 -14.43
N SER B 62 -41.23 -23.64 -15.57
CA SER B 62 -42.68 -23.65 -15.85
C SER B 62 -43.13 -24.13 -17.23
N ARG B 63 -42.25 -24.15 -18.23
CA ARG B 63 -42.63 -24.66 -19.56
C ARG B 63 -42.80 -26.17 -19.51
N ARG B 64 -43.89 -26.66 -20.09
CA ARG B 64 -44.26 -28.07 -20.05
C ARG B 64 -44.24 -28.66 -21.47
N VAL B 65 -43.72 -29.88 -21.61
CA VAL B 65 -43.64 -30.54 -22.91
C VAL B 65 -44.31 -31.91 -22.86
N ASP B 66 -45.03 -32.24 -23.93
CA ASP B 66 -45.60 -33.57 -24.10
C ASP B 66 -44.51 -34.50 -24.61
N PHE B 67 -44.81 -35.79 -24.72
CA PHE B 67 -43.81 -36.78 -25.14
C PHE B 67 -43.21 -36.46 -26.51
N GLU B 68 -44.04 -35.94 -27.41
CA GLU B 68 -43.66 -35.75 -28.83
C GLU B 68 -42.58 -34.67 -28.95
N THR B 69 -42.63 -33.68 -28.09
CA THR B 69 -41.67 -32.59 -28.07
C THR B 69 -40.41 -33.03 -27.32
N PHE B 70 -40.60 -33.85 -26.29
CA PHE B 70 -39.48 -34.41 -25.54
C PHE B 70 -38.59 -35.29 -26.41
N LEU B 71 -39.22 -36.06 -27.30
CA LEU B 71 -38.54 -37.11 -28.06
C LEU B 71 -37.32 -36.65 -28.86
N PRO B 72 -37.44 -35.63 -29.71
CA PRO B 72 -36.28 -35.11 -30.42
C PRO B 72 -35.11 -34.78 -29.48
N MET B 73 -35.39 -34.32 -28.27
CA MET B 73 -34.35 -34.01 -27.29
C MET B 73 -33.63 -35.25 -26.82
N LEU B 74 -34.40 -36.29 -26.50
CA LEU B 74 -33.85 -37.59 -26.15
C LEU B 74 -32.98 -38.16 -27.29
N GLN B 75 -33.50 -38.10 -28.51
CA GLN B 75 -32.79 -38.53 -29.71
C GLN B 75 -31.45 -37.80 -29.82
N ALA B 76 -31.50 -36.47 -29.67
CA ALA B 76 -30.31 -35.64 -29.87
C ALA B 76 -29.22 -36.00 -28.87
N VAL B 77 -29.62 -36.22 -27.62
CA VAL B 77 -28.71 -36.67 -26.57
C VAL B 77 -28.15 -38.05 -26.88
N ALA B 78 -29.01 -38.96 -27.35
CA ALA B 78 -28.60 -40.33 -27.66
C ALA B 78 -27.55 -40.40 -28.80
N LYS B 79 -27.65 -39.52 -29.79
CA LYS B 79 -26.71 -39.49 -30.93
C LYS B 79 -25.50 -38.57 -30.67
N TYR B 86 -14.94 -46.69 -21.60
CA TYR B 86 -14.64 -47.12 -20.24
C TYR B 86 -13.22 -46.80 -19.80
N GLU B 87 -12.26 -46.83 -20.73
CA GLU B 87 -10.85 -46.62 -20.37
C GLU B 87 -10.61 -45.19 -19.90
N ASP B 88 -11.33 -44.24 -20.52
CA ASP B 88 -11.30 -42.84 -20.09
C ASP B 88 -11.97 -42.65 -18.71
N TYR B 89 -13.05 -43.36 -18.44
CA TYR B 89 -13.76 -43.26 -17.16
C TYR B 89 -12.87 -43.66 -15.99
N LEU B 90 -12.04 -44.68 -16.23
CA LEU B 90 -11.14 -45.18 -15.22
C LEU B 90 -10.05 -44.15 -14.95
N GLU B 91 -9.47 -43.60 -16.03
CA GLU B 91 -8.39 -42.61 -15.92
C GLU B 91 -8.89 -41.38 -15.19
N GLY B 92 -10.15 -41.01 -15.47
CA GLY B 92 -10.84 -39.94 -14.79
C GLY B 92 -10.86 -40.08 -13.28
N PHE B 93 -11.04 -41.29 -12.77
CA PHE B 93 -10.93 -41.57 -11.33
C PHE B 93 -9.47 -41.57 -10.86
N ARG B 94 -8.55 -41.97 -11.73
CA ARG B 94 -7.12 -42.03 -11.41
C ARG B 94 -6.47 -40.64 -11.23
N VAL B 95 -7.17 -39.60 -11.69
CA VAL B 95 -6.80 -38.21 -11.43
C VAL B 95 -6.74 -37.96 -9.92
N PHE B 96 -7.71 -38.51 -9.18
CA PHE B 96 -7.88 -38.21 -7.76
C PHE B 96 -7.29 -39.25 -6.83
N ASP B 97 -6.53 -40.19 -7.38
CA ASP B 97 -5.89 -41.24 -6.58
C ASP B 97 -4.82 -40.67 -5.62
N GLY B 100 -1.03 -44.53 -5.68
CA GLY B 100 -1.55 -45.20 -6.86
C GLY B 100 -2.02 -46.61 -6.56
N ASN B 101 -2.66 -46.78 -5.41
CA ASN B 101 -3.08 -48.08 -4.90
C ASN B 101 -4.51 -48.45 -5.30
N GLY B 102 -5.09 -47.73 -6.26
CA GLY B 102 -6.41 -48.04 -6.80
C GLY B 102 -7.56 -47.51 -5.94
N LYS B 103 -7.24 -46.56 -5.07
CA LYS B 103 -8.22 -45.97 -4.17
C LYS B 103 -8.32 -44.45 -4.36
N VAL B 104 -9.35 -43.87 -3.75
CA VAL B 104 -9.61 -42.43 -3.73
C VAL B 104 -10.23 -42.14 -2.37
N MET B 105 -9.74 -41.13 -1.66
CA MET B 105 -10.40 -40.75 -0.39
C MET B 105 -11.88 -40.44 -0.66
N GLY B 106 -12.75 -40.85 0.25
CA GLY B 106 -14.15 -40.52 0.15
C GLY B 106 -14.35 -39.03 0.38
N ALA B 107 -13.58 -38.48 1.31
CA ALA B 107 -13.59 -37.04 1.60
C ALA B 107 -13.18 -36.21 0.38
N GLU B 108 -12.14 -36.63 -0.35
CA GLU B 108 -11.65 -35.85 -1.51
C GLU B 108 -12.64 -35.93 -2.66
N LEU B 109 -13.16 -37.13 -2.93
CA LEU B 109 -14.18 -37.30 -3.94
C LEU B 109 -15.44 -36.51 -3.61
N ARG B 110 -15.84 -36.48 -2.35
CA ARG B 110 -17.00 -35.71 -1.92
C ARG B 110 -16.79 -34.24 -2.21
N HIS B 111 -15.61 -33.74 -1.86
CA HIS B 111 -15.26 -32.34 -2.06
C HIS B 111 -15.26 -31.98 -3.55
N VAL B 112 -14.64 -32.82 -4.39
CA VAL B 112 -14.51 -32.46 -5.80
C VAL B 112 -15.84 -32.53 -6.53
N LEU B 113 -16.66 -33.50 -6.18
CA LEU B 113 -17.97 -33.66 -6.82
C LEU B 113 -18.94 -32.55 -6.41
N THR B 114 -18.76 -31.99 -5.21
CA THR B 114 -19.61 -30.88 -4.75
C THR B 114 -19.04 -29.48 -5.02
N THR B 115 -17.79 -29.35 -5.50
CA THR B 115 -17.20 -28.01 -5.68
C THR B 115 -16.62 -27.71 -7.07
N LEU B 116 -16.34 -28.74 -7.85
CA LEU B 116 -15.85 -28.54 -9.22
C LEU B 116 -16.88 -29.04 -10.21
N GLY B 117 -16.71 -28.62 -11.45
CA GLY B 117 -17.53 -29.13 -12.55
C GLY B 117 -18.98 -28.74 -12.39
N GLU B 118 -19.86 -29.70 -12.69
CA GLU B 118 -21.30 -29.53 -12.55
C GLU B 118 -21.65 -30.01 -11.16
N LYS B 119 -21.45 -29.11 -10.20
CA LYS B 119 -21.42 -29.47 -8.77
C LYS B 119 -22.69 -30.19 -8.38
N MET B 120 -22.54 -31.23 -7.58
CA MET B 120 -23.66 -32.00 -7.09
C MET B 120 -23.87 -31.64 -5.63
N THR B 121 -25.06 -31.92 -5.14
CA THR B 121 -25.35 -31.71 -3.73
C THR B 121 -24.64 -32.78 -2.95
N GLU B 122 -24.40 -32.51 -1.66
CA GLU B 122 -23.78 -33.45 -0.73
C GLU B 122 -24.64 -34.69 -0.54
N GLU B 123 -25.95 -34.50 -0.68
CA GLU B 123 -26.93 -35.57 -0.51
C GLU B 123 -26.93 -36.51 -1.72
N GLU B 124 -26.81 -35.95 -2.91
CA GLU B 124 -26.67 -36.75 -4.12
C GLU B 124 -25.40 -37.60 -3.97
N VAL B 125 -24.32 -36.97 -3.52
CA VAL B 125 -23.01 -37.62 -3.40
C VAL B 125 -23.04 -38.69 -2.30
N GLU B 126 -23.74 -38.41 -1.21
CA GLU B 126 -23.87 -39.34 -0.09
C GLU B 126 -24.61 -40.60 -0.51
N THR B 127 -25.61 -40.43 -1.37
CA THR B 127 -26.46 -41.53 -1.79
C THR B 127 -25.65 -42.52 -2.62
N VAL B 128 -24.92 -42.00 -3.60
CA VAL B 128 -24.13 -42.85 -4.47
C VAL B 128 -22.92 -43.45 -3.76
N LEU B 129 -22.36 -42.73 -2.79
CA LEU B 129 -21.15 -43.19 -2.09
C LEU B 129 -21.48 -44.15 -0.94
N ALA B 130 -22.74 -44.29 -0.56
CA ALA B 130 -23.11 -45.13 0.59
C ALA B 130 -22.74 -46.61 0.38
N GLY B 131 -21.98 -47.15 1.33
CA GLY B 131 -21.56 -48.54 1.32
C GLY B 131 -20.33 -48.89 0.49
N HIS B 132 -19.74 -47.92 -0.21
CA HIS B 132 -18.59 -48.19 -1.08
C HIS B 132 -17.25 -47.83 -0.48
N GLU B 133 -17.26 -47.06 0.60
CA GLU B 133 -16.01 -46.69 1.26
C GLU B 133 -15.79 -47.60 2.46
N ASP B 134 -14.52 -47.88 2.75
CA ASP B 134 -14.13 -48.80 3.82
C ASP B 134 -13.89 -48.02 5.13
N SER B 135 -13.22 -48.67 6.09
CA SER B 135 -13.00 -48.10 7.43
C SER B 135 -12.00 -46.94 7.45
N ASN B 136 -10.96 -47.03 6.62
CA ASN B 136 -10.05 -45.90 6.40
C ASN B 136 -10.71 -44.69 5.70
N GLY B 137 -11.85 -44.91 5.07
CA GLY B 137 -12.52 -43.90 4.27
C GLY B 137 -11.94 -43.88 2.87
N CYS B 138 -11.80 -45.06 2.25
CA CYS B 138 -11.30 -45.20 0.88
C CYS B 138 -12.26 -45.99 0.01
N ILE B 139 -12.38 -45.57 -1.25
CA ILE B 139 -13.26 -46.20 -2.21
C ILE B 139 -12.41 -46.85 -3.28
N ASN B 140 -12.65 -48.14 -3.49
CA ASN B 140 -12.14 -48.82 -4.65
C ASN B 140 -12.94 -48.28 -5.84
N TYR B 141 -12.28 -47.45 -6.65
CA TYR B 141 -12.98 -46.71 -7.70
C TYR B 141 -13.27 -47.53 -8.96
N GLU B 142 -12.46 -48.54 -9.21
CA GLU B 142 -12.71 -49.44 -10.33
C GLU B 142 -14.01 -50.18 -10.01
N ALA B 143 -14.16 -50.56 -8.74
CA ALA B 143 -15.38 -51.22 -8.25
C ALA B 143 -16.55 -50.25 -8.20
N PHE B 144 -16.28 -49.04 -7.72
CA PHE B 144 -17.29 -47.96 -7.66
C PHE B 144 -17.76 -47.58 -9.05
N LEU B 145 -16.85 -47.63 -10.01
CA LEU B 145 -17.16 -47.21 -11.37
C LEU B 145 -18.07 -48.24 -12.03
N LYS B 146 -17.74 -49.53 -11.87
CA LYS B 146 -18.55 -50.60 -12.44
C LYS B 146 -19.98 -50.49 -11.90
N HIS B 147 -20.10 -50.20 -10.60
CA HIS B 147 -21.39 -50.08 -9.93
C HIS B 147 -22.28 -48.97 -10.51
N ILE B 148 -21.73 -47.77 -10.69
CA ILE B 148 -22.53 -46.66 -11.21
C ILE B 148 -22.76 -46.74 -12.71
N LEU B 149 -22.04 -47.65 -13.37
CA LEU B 149 -22.19 -47.88 -14.82
C LEU B 149 -23.14 -49.03 -15.10
N SER B 150 -23.40 -49.87 -14.09
CA SER B 150 -24.24 -51.06 -14.22
C SER B 150 -25.64 -50.75 -14.72
S SO4 C . -1.01 5.61 14.08
O1 SO4 C . 0.03 4.63 14.38
O2 SO4 C . -0.66 6.38 12.90
O3 SO4 C . -2.25 4.85 13.94
O4 SO4 C . -1.12 6.56 15.21
#